data_2HDR
#
_entry.id   2HDR
#
_cell.length_a   117.239
_cell.length_b   77.340
_cell.length_c   99.010
_cell.angle_alpha   90.00
_cell.angle_beta   118.44
_cell.angle_gamma   90.00
#
_symmetry.space_group_name_H-M   'C 1 2 1'
#
loop_
_entity.id
_entity.type
_entity.pdbx_description
1 polymer Beta-lactamase
2 non-polymer 'PHOSPHATE ION'
3 non-polymer '4-AMINO-3-HYDROXYBENZOIC ACID'
4 water water
#
_entity_poly.entity_id   1
_entity_poly.type   'polypeptide(L)'
_entity_poly.pdbx_seq_one_letter_code
;APQQINDIVHRTITPLIEQQKIPGMAVAVIYQGKPYYFTWGYADIAKKQPVTQQTLFELGSVSKTFTGVLGGDAIARGEI
KLSDPTTKYWPELTAKQWNGITLLHLATYTAGGLPLQVPDEVKSSSDLLRFYQNWQPAWAPGTQRLYANSSIGLFGALAV
KPSGLSFEQAMQTRVFQPLKLNHTWINVPPAEEKNYAWGYREGKAVHVSPGALDAEAYGVKSTIEDMARWVQSNLKPLDI
NEKTLQQGIQLAQSRYWQTGDMYQGLGWEMLDWPVNPDSIINGSDNKIALAARPVKAITPPTPAVRASWVHKTGATGGFG
SYVAFIPEKELGIVMLANKNYPNPARVDAAWQILNALQ
;
_entity_poly.pdbx_strand_id   A,B
#
loop_
_chem_comp.id
_chem_comp.type
_chem_comp.name
_chem_comp.formula
4A3 non-polymer '4-AMINO-3-HYDROXYBENZOIC ACID' 'C7 H7 N O3'
PO4 non-polymer 'PHOSPHATE ION' 'O4 P -3'
#
# COMPACT_ATOMS: atom_id res chain seq x y z
N ALA A 1 -23.41 23.56 -13.65
CA ALA A 1 -23.10 24.52 -12.55
C ALA A 1 -24.33 24.79 -11.69
N PRO A 2 -24.59 23.92 -10.69
CA PRO A 2 -25.67 24.16 -9.72
C PRO A 2 -25.51 25.50 -9.02
N GLN A 3 -26.63 26.07 -8.55
CA GLN A 3 -26.60 27.36 -7.88
C GLN A 3 -25.94 27.28 -6.50
N GLN A 4 -26.00 26.11 -5.87
CA GLN A 4 -25.33 25.91 -4.58
C GLN A 4 -23.83 26.17 -4.69
N ILE A 5 -23.20 25.55 -5.70
CA ILE A 5 -21.77 25.70 -5.93
C ILE A 5 -21.45 27.12 -6.41
N ASN A 6 -22.24 27.63 -7.36
CA ASN A 6 -22.06 28.97 -7.90
C ASN A 6 -22.00 30.06 -6.83
N ASP A 7 -23.01 30.07 -5.97
CA ASP A 7 -23.17 31.11 -4.95
C ASP A 7 -22.06 31.07 -3.89
N ILE A 8 -21.75 29.89 -3.37
CA ILE A 8 -20.69 29.79 -2.35
C ILE A 8 -19.31 30.17 -2.91
N VAL A 9 -19.05 29.80 -4.17
CA VAL A 9 -17.76 30.09 -4.81
C VAL A 9 -17.60 31.59 -5.04
N HIS A 10 -18.60 32.21 -5.68
CA HIS A 10 -18.56 33.65 -5.95
C HIS A 10 -18.57 34.48 -4.67
N ARG A 11 -19.31 34.00 -3.66
CA ARG A 11 -19.37 34.64 -2.34
C ARG A 11 -18.04 34.58 -1.59
N THR A 12 -17.23 33.55 -1.86
CA THR A 12 -15.94 33.36 -1.18
C THR A 12 -14.79 33.98 -1.96
N ILE A 13 -14.76 33.76 -3.28
CA ILE A 13 -13.62 34.17 -4.10
C ILE A 13 -13.62 35.66 -4.45
N THR A 14 -14.78 36.25 -4.74
CA THR A 14 -14.84 37.67 -5.10
C THR A 14 -14.21 38.60 -4.05
N PRO A 15 -14.57 38.43 -2.76
CA PRO A 15 -13.91 39.25 -1.73
C PRO A 15 -12.40 38.97 -1.59
N LEU A 16 -12.00 37.70 -1.69
CA LEU A 16 -10.59 37.31 -1.65
C LEU A 16 -9.78 38.05 -2.71
N ILE A 17 -10.26 38.03 -3.95
CA ILE A 17 -9.57 38.71 -5.08
C ILE A 17 -9.44 40.22 -4.83
N GLU A 18 -10.50 40.83 -4.33
CA GLU A 18 -10.50 42.27 -4.01
C GLU A 18 -9.57 42.58 -2.84
N GLN A 19 -9.67 41.79 -1.77
CA GLN A 19 -8.88 42.01 -0.56
C GLN A 19 -7.37 41.75 -0.77
N GLN A 20 -7.05 40.75 -1.61
CA GLN A 20 -5.65 40.43 -1.91
C GLN A 20 -5.14 41.08 -3.19
N LYS A 21 -6.03 41.77 -3.90
CA LYS A 21 -5.65 42.43 -5.15
C LYS A 21 -5.01 41.46 -6.14
N ILE A 22 -5.69 40.35 -6.38
CA ILE A 22 -5.20 39.33 -7.30
C ILE A 22 -5.61 39.68 -8.73
N PRO A 23 -4.63 39.82 -9.66
CA PRO A 23 -4.98 40.20 -11.02
C PRO A 23 -5.90 39.19 -11.74
N GLY A 24 -5.56 37.91 -11.62
CA GLY A 24 -6.30 36.84 -12.30
C GLY A 24 -6.35 35.57 -11.49
N MET A 25 -7.46 34.86 -11.59
CA MET A 25 -7.66 33.66 -10.82
C MET A 25 -8.56 32.66 -11.55
N ALA A 26 -8.22 31.39 -11.42
CA ALA A 26 -9.04 30.29 -11.91
C ALA A 26 -9.32 29.34 -10.75
N VAL A 27 -10.57 28.88 -10.66
CA VAL A 27 -11.00 27.96 -9.62
C VAL A 27 -11.78 26.81 -10.25
N ALA A 28 -11.52 25.60 -9.78
CA ALA A 28 -12.32 24.44 -10.14
C ALA A 28 -12.80 23.79 -8.87
N VAL A 29 -14.09 23.46 -8.82
CA VAL A 29 -14.66 22.66 -7.74
C VAL A 29 -15.03 21.31 -8.33
N ILE A 30 -14.55 20.25 -7.68
CA ILE A 30 -14.91 18.89 -8.04
C ILE A 30 -15.97 18.44 -7.05
N TYR A 31 -17.15 18.07 -7.58
CA TYR A 31 -18.34 17.77 -6.80
C TYR A 31 -19.07 16.59 -7.44
N GLN A 32 -19.16 15.49 -6.70
CA GLN A 32 -19.75 14.24 -7.18
C GLN A 32 -19.16 13.75 -8.51
N GLY A 33 -17.85 13.92 -8.69
CA GLY A 33 -17.18 13.42 -9.90
C GLY A 33 -17.35 14.27 -11.15
N LYS A 34 -17.64 15.55 -10.96
CA LYS A 34 -17.77 16.48 -12.07
C LYS A 34 -17.09 17.80 -11.70
N PRO A 35 -16.31 18.40 -12.62
CA PRO A 35 -15.67 19.66 -12.35
C PRO A 35 -16.54 20.87 -12.70
N TYR A 36 -16.38 21.94 -11.94
CA TYR A 36 -17.07 23.19 -12.19
C TYR A 36 -16.04 24.30 -12.16
N TYR A 37 -15.99 25.08 -13.25
CA TYR A 37 -14.93 26.07 -13.47
C TYR A 37 -15.40 27.50 -13.30
N PHE A 38 -14.52 28.32 -12.74
CA PHE A 38 -14.76 29.74 -12.51
C PHE A 38 -13.46 30.49 -12.83
N THR A 39 -13.57 31.64 -13.49
CA THR A 39 -12.39 32.43 -13.85
C THR A 39 -12.63 33.92 -13.59
N TRP A 40 -11.58 34.61 -13.15
CA TRP A 40 -11.63 36.05 -12.89
C TRP A 40 -10.43 36.77 -13.47
N GLY A 41 -10.63 38.03 -13.86
CA GLY A 41 -9.52 38.92 -14.15
C GLY A 41 -8.57 38.52 -15.26
N TYR A 42 -7.30 38.90 -15.11
CA TYR A 42 -6.35 38.86 -16.22
C TYR A 42 -5.16 37.92 -16.03
N ALA A 43 -4.85 37.19 -17.10
CA ALA A 43 -3.63 36.41 -17.21
C ALA A 43 -2.46 37.32 -17.56
N ASP A 44 -2.76 38.36 -18.34
CA ASP A 44 -1.78 39.33 -18.79
C ASP A 44 -2.44 40.71 -18.70
N ILE A 45 -1.95 41.55 -17.79
CA ILE A 45 -2.58 42.84 -17.53
C ILE A 45 -2.30 43.82 -18.67
N ALA A 46 -1.05 43.85 -19.12
CA ALA A 46 -0.64 44.79 -20.16
C ALA A 46 -1.36 44.51 -21.48
N LYS A 47 -1.48 43.24 -21.86
CA LYS A 47 -2.13 42.86 -23.11
C LYS A 47 -3.62 42.55 -22.96
N LYS A 48 -4.19 42.84 -21.78
CA LYS A 48 -5.63 42.69 -21.52
C LYS A 48 -6.19 41.26 -21.79
N GLN A 49 -5.35 40.25 -21.58
CA GLN A 49 -5.75 38.87 -21.84
C GLN A 49 -6.46 38.30 -20.60
N PRO A 50 -7.68 37.76 -20.77
CA PRO A 50 -8.44 37.24 -19.65
C PRO A 50 -7.95 35.87 -19.21
N VAL A 51 -8.16 35.54 -17.93
CA VAL A 51 -8.00 34.17 -17.47
C VAL A 51 -9.13 33.34 -18.09
N THR A 52 -8.75 32.18 -18.63
CA THR A 52 -9.69 31.22 -19.18
C THR A 52 -9.37 29.83 -18.62
N GLN A 53 -10.13 28.84 -19.05
CA GLN A 53 -9.89 27.43 -18.70
C GLN A 53 -8.63 26.83 -19.38
N GLN A 54 -8.06 27.56 -20.33
CA GLN A 54 -6.84 27.15 -21.03
C GLN A 54 -5.60 27.91 -20.54
N THR A 55 -5.78 28.84 -19.61
CA THR A 55 -4.67 29.62 -19.08
C THR A 55 -3.73 28.73 -18.27
N LEU A 56 -2.44 28.82 -18.55
CA LEU A 56 -1.43 28.08 -17.79
C LEU A 56 -0.97 28.92 -16.60
N PHE A 57 -1.02 28.33 -15.41
CA PHE A 57 -0.47 28.94 -14.20
C PHE A 57 0.73 28.13 -13.72
N GLU A 58 1.70 28.79 -13.10
CA GLU A 58 2.79 28.10 -12.43
C GLU A 58 2.27 27.51 -11.13
N LEU A 59 2.46 26.21 -10.96
CA LEU A 59 1.97 25.51 -9.79
C LEU A 59 2.86 25.68 -8.56
N GLY A 60 4.11 26.05 -8.76
CA GLY A 60 5.07 26.10 -7.66
C GLY A 60 5.20 24.73 -7.00
N SER A 61 5.20 24.73 -5.67
CA SER A 61 5.34 23.50 -4.90
C SER A 61 4.22 22.46 -5.06
N VAL A 62 3.10 22.81 -5.67
CA VAL A 62 2.08 21.80 -6.01
C VAL A 62 2.68 20.76 -7.00
N SER A 63 3.71 21.18 -7.73
CA SER A 63 4.53 20.26 -8.55
C SER A 63 5.01 19.03 -7.78
N LYS A 64 5.29 19.20 -6.48
CA LYS A 64 5.79 18.09 -5.65
C LYS A 64 4.79 16.95 -5.51
N THR A 65 3.50 17.22 -5.75
CA THR A 65 2.47 16.17 -5.72
C THR A 65 2.61 15.26 -6.95
N PHE A 66 2.91 15.85 -8.11
CA PHE A 66 3.23 15.06 -9.31
C PHE A 66 4.51 14.25 -9.13
N THR A 67 5.52 14.86 -8.52
CA THR A 67 6.79 14.18 -8.22
C THR A 67 6.59 12.99 -7.27
N GLY A 68 5.77 13.18 -6.24
CA GLY A 68 5.46 12.13 -5.29
C GLY A 68 4.71 10.94 -5.88
N VAL A 69 3.75 11.22 -6.76
CA VAL A 69 3.01 10.19 -7.47
C VAL A 69 3.86 9.43 -8.49
N LEU A 70 4.73 10.15 -9.20
CA LEU A 70 5.68 9.54 -10.11
C LEU A 70 6.67 8.61 -9.39
N GLY A 71 7.13 9.04 -8.23
CA GLY A 71 7.94 8.20 -7.36
C GLY A 71 7.19 6.97 -6.90
N GLY A 72 5.93 7.16 -6.53
CA GLY A 72 5.07 6.05 -6.10
C GLY A 72 4.79 5.06 -7.22
N ASP A 73 4.68 5.58 -8.43
CA ASP A 73 4.53 4.77 -9.63
C ASP A 73 5.79 3.91 -9.86
N ALA A 74 6.97 4.50 -9.68
CA ALA A 74 8.23 3.76 -9.80
C ALA A 74 8.34 2.65 -8.74
N ILE A 75 7.81 2.91 -7.56
CA ILE A 75 7.77 1.91 -6.49
C ILE A 75 6.85 0.76 -6.93
N ALA A 76 5.66 1.10 -7.43
CA ALA A 76 4.71 0.10 -7.91
C ALA A 76 5.28 -0.73 -9.06
N ARG A 77 6.15 -0.10 -9.87
CA ARG A 77 6.79 -0.79 -10.98
C ARG A 77 7.89 -1.76 -10.53
N GLY A 78 8.28 -1.67 -9.26
CA GLY A 78 9.38 -2.48 -8.74
C GLY A 78 10.75 -1.90 -9.08
N GLU A 79 10.78 -0.64 -9.51
CA GLU A 79 12.03 0.00 -9.93
C GLU A 79 12.83 0.59 -8.77
N ILE A 80 12.12 1.09 -7.76
CA ILE A 80 12.78 1.60 -6.54
C ILE A 80 12.02 1.15 -5.30
N LYS A 81 12.67 1.31 -4.15
CA LYS A 81 12.02 1.14 -2.87
C LYS A 81 12.33 2.37 -2.01
N LEU A 82 11.35 2.83 -1.26
CA LEU A 82 11.54 3.97 -0.35
C LEU A 82 12.51 3.64 0.78
N SER A 83 12.66 2.36 1.06
CA SER A 83 13.59 1.85 2.07
C SER A 83 15.03 1.75 1.58
N ASP A 84 15.27 1.94 0.28
CA ASP A 84 16.62 1.89 -0.28
C ASP A 84 17.42 3.10 0.15
N PRO A 85 18.74 2.92 0.43
CA PRO A 85 19.60 4.07 0.68
C PRO A 85 19.76 4.94 -0.55
N THR A 86 19.87 6.24 -0.33
CA THR A 86 20.12 7.20 -1.41
C THR A 86 21.37 6.82 -2.22
N THR A 87 22.39 6.31 -1.52
CA THR A 87 23.65 5.95 -2.15
C THR A 87 23.50 4.84 -3.21
N LYS A 88 22.49 4.00 -3.07
CA LYS A 88 22.21 2.98 -4.07
C LYS A 88 21.97 3.57 -5.48
N TYR A 89 21.32 4.74 -5.52
CA TYR A 89 21.00 5.40 -6.81
C TYR A 89 21.96 6.52 -7.17
N TRP A 90 22.82 6.89 -6.22
CA TRP A 90 23.90 7.83 -6.48
C TRP A 90 25.15 7.35 -5.72
N PRO A 91 25.89 6.38 -6.29
CA PRO A 91 27.09 5.83 -5.64
C PRO A 91 28.24 6.83 -5.47
N GLU A 92 28.23 7.92 -6.23
CA GLU A 92 29.20 9.01 -6.08
C GLU A 92 28.97 9.77 -4.78
N LEU A 93 27.78 9.61 -4.19
CA LEU A 93 27.47 10.18 -2.89
C LEU A 93 28.18 9.34 -1.83
N THR A 94 29.49 9.51 -1.75
CA THR A 94 30.34 8.65 -0.92
C THR A 94 30.59 9.24 0.46
N ALA A 95 30.02 10.42 0.73
CA ALA A 95 30.21 11.08 2.02
C ALA A 95 29.45 10.31 3.12
N LYS A 96 30.06 10.24 4.30
CA LYS A 96 29.61 9.37 5.39
C LYS A 96 28.29 9.81 6.05
N GLN A 97 27.88 11.05 5.83
CA GLN A 97 26.58 11.53 6.33
C GLN A 97 25.39 10.92 5.60
N TRP A 98 25.63 10.36 4.42
CA TRP A 98 24.57 9.75 3.60
C TRP A 98 24.29 8.30 3.96
N ASN A 99 25.05 7.77 4.92
CA ASN A 99 24.74 6.49 5.53
C ASN A 99 23.45 6.58 6.33
N GLY A 100 22.48 5.77 5.96
CA GLY A 100 21.21 5.73 6.67
C GLY A 100 20.17 6.70 6.13
N ILE A 101 20.50 7.45 5.08
CA ILE A 101 19.55 8.35 4.45
C ILE A 101 18.93 7.66 3.24
N THR A 102 17.64 7.40 3.34
CA THR A 102 16.89 6.64 2.35
C THR A 102 16.08 7.56 1.43
N LEU A 103 15.52 6.98 0.37
CA LEU A 103 14.64 7.71 -0.53
C LEU A 103 13.38 8.26 0.16
N LEU A 104 12.86 7.56 1.17
CA LEU A 104 11.76 8.07 1.99
C LEU A 104 12.14 9.39 2.65
N HIS A 105 13.33 9.44 3.24
CA HIS A 105 13.81 10.65 3.92
C HIS A 105 13.88 11.85 2.97
N LEU A 106 14.35 11.61 1.74
CA LEU A 106 14.42 12.66 0.73
C LEU A 106 13.02 13.14 0.37
N ALA A 107 12.11 12.17 0.16
CA ALA A 107 10.73 12.43 -0.27
C ALA A 107 9.90 13.22 0.74
N THR A 108 10.25 13.09 2.02
CA THR A 108 9.42 13.60 3.11
C THR A 108 10.12 14.64 3.99
N TYR A 109 11.25 15.16 3.52
CA TYR A 109 11.96 16.26 4.21
C TYR A 109 12.54 15.87 5.56
N THR A 110 12.88 14.59 5.73
CA THR A 110 13.38 14.06 7.00
C THR A 110 14.82 13.53 6.93
N ALA A 111 15.59 13.97 5.93
CA ALA A 111 16.99 13.52 5.76
C ALA A 111 17.93 14.06 6.83
N GLY A 112 17.56 15.18 7.47
CA GLY A 112 18.35 15.74 8.53
C GLY A 112 18.72 17.19 8.36
N GLY A 113 17.87 17.95 7.67
CA GLY A 113 18.05 19.38 7.48
C GLY A 113 18.67 19.81 6.16
N LEU A 114 18.29 19.15 5.07
CA LEU A 114 18.68 19.61 3.74
C LEU A 114 18.06 20.99 3.51
N PRO A 115 18.82 21.91 2.88
CA PRO A 115 18.39 23.30 2.78
C PRO A 115 17.16 23.52 1.90
N LEU A 116 16.43 24.60 2.19
CA LEU A 116 15.19 24.90 1.47
C LEU A 116 15.44 24.96 -0.03
N GLN A 117 16.49 25.66 -0.44
CA GLN A 117 16.84 25.79 -1.85
C GLN A 117 18.20 25.20 -2.16
N VAL A 118 18.31 24.59 -3.34
CA VAL A 118 19.60 24.33 -3.95
C VAL A 118 20.18 25.71 -4.31
N PRO A 119 21.45 25.97 -3.92
CA PRO A 119 22.02 27.28 -4.22
C PRO A 119 21.98 27.64 -5.71
N ASP A 120 21.75 28.92 -5.99
CA ASP A 120 21.59 29.40 -7.37
C ASP A 120 22.85 29.15 -8.24
N GLU A 121 24.01 29.06 -7.60
CA GLU A 121 25.28 28.85 -8.30
C GLU A 121 25.50 27.39 -8.74
N VAL A 122 24.77 26.45 -8.11
CA VAL A 122 24.84 25.04 -8.47
C VAL A 122 24.12 24.85 -9.79
N LYS A 123 24.85 24.43 -10.82
CA LYS A 123 24.30 24.34 -12.18
C LYS A 123 24.56 22.95 -12.80
N SER A 124 25.82 22.57 -12.92
CA SER A 124 26.18 21.27 -13.52
C SER A 124 25.82 20.11 -12.59
N SER A 125 25.96 18.89 -13.12
CA SER A 125 25.82 17.67 -12.34
C SER A 125 26.96 17.53 -11.33
N SER A 126 28.13 18.05 -11.68
CA SER A 126 29.28 18.08 -10.77
C SER A 126 29.04 19.03 -9.60
N ASP A 127 28.48 20.19 -9.90
CA ASP A 127 28.06 21.14 -8.85
C ASP A 127 27.10 20.52 -7.84
N LEU A 128 26.10 19.80 -8.34
CA LEU A 128 25.08 19.16 -7.50
C LEU A 128 25.71 18.12 -6.57
N LEU A 129 26.52 17.23 -7.14
CA LEU A 129 27.23 16.22 -6.35
C LEU A 129 28.05 16.88 -5.24
N ARG A 130 28.85 17.87 -5.63
CA ARG A 130 29.67 18.62 -4.67
C ARG A 130 28.82 19.26 -3.56
N PHE A 131 27.67 19.80 -3.95
CA PHE A 131 26.74 20.42 -3.01
C PHE A 131 26.23 19.41 -1.97
N TYR A 132 25.77 18.24 -2.43
CA TYR A 132 25.25 17.21 -1.53
C TYR A 132 26.36 16.51 -0.73
N GLN A 133 27.56 16.40 -1.32
CA GLN A 133 28.69 15.81 -0.62
C GLN A 133 29.12 16.66 0.57
N ASN A 134 29.11 17.98 0.39
CA ASN A 134 29.55 18.93 1.41
C ASN A 134 28.50 19.28 2.45
N TRP A 135 27.25 18.90 2.20
CA TRP A 135 26.16 19.19 3.13
C TRP A 135 26.36 18.46 4.45
N GLN A 136 26.30 19.20 5.55
CA GLN A 136 26.38 18.60 6.87
C GLN A 136 25.01 18.62 7.53
N PRO A 137 24.47 17.44 7.85
CA PRO A 137 23.15 17.37 8.50
C PRO A 137 23.17 17.90 9.93
N ALA A 138 22.10 18.61 10.29
CA ALA A 138 21.91 19.12 11.65
C ALA A 138 21.36 18.03 12.58
N TRP A 139 20.60 17.09 12.02
CA TRP A 139 19.96 16.02 12.78
C TRP A 139 20.15 14.66 12.13
N ALA A 140 19.89 13.62 12.90
CA ALA A 140 19.87 12.25 12.41
C ALA A 140 18.70 12.08 11.45
N PRO A 141 18.81 11.11 10.51
CA PRO A 141 17.71 10.91 9.57
C PRO A 141 16.46 10.38 10.27
N GLY A 142 15.29 10.79 9.79
CA GLY A 142 14.02 10.33 10.35
C GLY A 142 13.70 10.86 11.73
N THR A 143 14.23 12.02 12.09
CA THR A 143 13.96 12.60 13.41
C THR A 143 13.28 13.97 13.34
N GLN A 144 13.63 14.79 12.34
CA GLN A 144 13.03 16.11 12.16
C GLN A 144 12.65 16.36 10.71
N ARG A 145 11.50 17.04 10.55
CA ARG A 145 11.03 17.49 9.25
C ARG A 145 11.44 18.94 9.07
N LEU A 146 12.05 19.21 7.92
CA LEU A 146 12.41 20.56 7.50
C LEU A 146 12.14 20.68 6.00
N TYR A 147 11.06 21.37 5.64
CA TYR A 147 10.64 21.52 4.26
C TYR A 147 11.78 22.00 3.37
N ALA A 148 11.98 21.34 2.24
CA ALA A 148 13.16 21.57 1.42
C ALA A 148 12.99 21.11 -0.03
N ASN A 149 13.23 22.02 -0.98
CA ASN A 149 13.26 21.67 -2.40
C ASN A 149 14.45 20.79 -2.76
N SER A 150 15.56 20.96 -2.04
CA SER A 150 16.75 20.12 -2.26
C SER A 150 16.56 18.65 -1.82
N SER A 151 15.57 18.41 -0.96
CA SER A 151 15.25 17.07 -0.47
C SER A 151 14.30 16.37 -1.46
N ILE A 152 13.09 16.89 -1.62
CA ILE A 152 12.11 16.30 -2.56
C ILE A 152 12.62 16.35 -4.01
N GLY A 153 13.38 17.40 -4.35
CA GLY A 153 13.92 17.53 -5.70
C GLY A 153 14.87 16.41 -6.06
N LEU A 154 15.76 16.05 -5.12
CA LEU A 154 16.69 14.93 -5.31
C LEU A 154 15.97 13.60 -5.35
N PHE A 155 14.92 13.45 -4.53
CA PHE A 155 14.10 12.23 -4.59
C PHE A 155 13.55 11.98 -5.98
N GLY A 156 13.03 13.04 -6.61
CA GLY A 156 12.47 12.94 -7.95
C GLY A 156 13.48 12.51 -9.02
N ALA A 157 14.66 13.12 -8.96
CA ALA A 157 15.76 12.83 -9.89
C ALA A 157 16.28 11.40 -9.75
N LEU A 158 16.49 10.95 -8.52
CA LEU A 158 16.92 9.59 -8.26
C LEU A 158 15.84 8.54 -8.56
N ALA A 159 14.57 8.86 -8.28
CA ALA A 159 13.45 7.91 -8.47
C ALA A 159 13.24 7.43 -9.92
N VAL A 160 13.63 8.23 -10.90
CA VAL A 160 13.44 7.91 -12.31
C VAL A 160 14.66 7.27 -12.98
N LYS A 161 15.74 7.05 -12.22
CA LYS A 161 16.99 6.55 -12.80
C LYS A 161 16.90 5.12 -13.36
N PRO A 162 16.35 4.16 -12.58
CA PRO A 162 16.16 2.81 -13.10
C PRO A 162 15.29 2.68 -14.36
N SER A 163 14.39 3.64 -14.58
CA SER A 163 13.53 3.65 -15.75
C SER A 163 14.30 3.89 -17.05
N GLY A 164 15.44 4.56 -16.95
CA GLY A 164 16.21 4.94 -18.11
C GLY A 164 15.63 6.14 -18.83
N LEU A 165 14.68 6.82 -18.20
CA LEU A 165 14.04 8.00 -18.79
C LEU A 165 14.49 9.22 -18.03
N SER A 166 14.47 10.38 -18.68
CA SER A 166 14.64 11.64 -17.96
C SER A 166 13.42 11.87 -17.07
N PHE A 167 13.55 12.75 -16.08
CA PHE A 167 12.42 13.10 -15.23
C PHE A 167 11.24 13.58 -16.07
N GLU A 168 11.54 14.43 -17.05
CA GLU A 168 10.53 15.05 -17.90
C GLU A 168 9.83 14.01 -18.79
N GLN A 169 10.61 13.11 -19.37
CA GLN A 169 10.09 11.97 -20.14
C GLN A 169 9.25 11.04 -19.27
N ALA A 170 9.77 10.73 -18.08
CA ALA A 170 9.07 9.86 -17.13
C ALA A 170 7.71 10.46 -16.71
N MET A 171 7.71 11.74 -16.35
CA MET A 171 6.47 12.43 -15.92
C MET A 171 5.43 12.48 -17.04
N GLN A 172 5.88 12.84 -18.24
CA GLN A 172 5.02 12.89 -19.41
C GLN A 172 4.38 11.52 -19.71
N THR A 173 5.20 10.49 -19.83
CA THR A 173 4.73 9.17 -20.26
C THR A 173 3.99 8.39 -19.18
N ARG A 174 4.32 8.61 -17.92
CA ARG A 174 3.78 7.78 -16.83
C ARG A 174 2.68 8.45 -15.99
N VAL A 175 2.64 9.78 -16.01
CA VAL A 175 1.63 10.50 -15.25
C VAL A 175 0.74 11.37 -16.16
N PHE A 176 1.34 12.31 -16.90
CA PHE A 176 0.57 13.23 -17.72
C PHE A 176 -0.28 12.53 -18.80
N GLN A 177 0.36 11.72 -19.64
CA GLN A 177 -0.33 11.09 -20.76
C GLN A 177 -1.46 10.14 -20.33
N PRO A 178 -1.16 9.19 -19.41
CA PRO A 178 -2.21 8.30 -18.94
C PRO A 178 -3.41 8.99 -18.29
N LEU A 179 -3.21 10.15 -17.69
CA LEU A 179 -4.29 10.89 -17.03
C LEU A 179 -4.93 11.96 -17.91
N LYS A 180 -4.50 12.02 -19.17
CA LYS A 180 -5.04 12.97 -20.16
C LYS A 180 -4.77 14.41 -19.75
N LEU A 181 -3.60 14.66 -19.16
CA LEU A 181 -3.19 16.02 -18.82
C LEU A 181 -2.35 16.55 -19.97
N ASN A 182 -3.05 16.95 -21.03
CA ASN A 182 -2.40 17.30 -22.29
C ASN A 182 -1.98 18.76 -22.37
N HIS A 183 -2.29 19.53 -21.31
CA HIS A 183 -1.92 20.93 -21.22
C HIS A 183 -1.22 21.22 -19.88
N THR A 184 -0.42 20.25 -19.45
CA THR A 184 0.40 20.36 -18.26
C THR A 184 1.85 20.17 -18.70
N TRP A 185 2.71 21.12 -18.34
CA TRP A 185 4.07 21.18 -18.88
C TRP A 185 5.12 21.41 -17.81
N ILE A 186 6.25 20.74 -17.96
CA ILE A 186 7.46 21.08 -17.23
C ILE A 186 8.12 22.29 -17.92
N ASN A 187 8.19 22.23 -19.25
CA ASN A 187 8.66 23.36 -20.05
C ASN A 187 7.56 23.78 -21.03
N VAL A 188 7.09 25.01 -20.93
CA VAL A 188 5.98 25.47 -21.78
C VAL A 188 6.47 25.60 -23.23
N PRO A 189 5.81 24.90 -24.17
CA PRO A 189 6.22 25.02 -25.58
C PRO A 189 5.80 26.36 -26.18
N PRO A 190 6.49 26.80 -27.24
CA PRO A 190 6.14 28.06 -27.94
C PRO A 190 4.67 28.15 -28.39
N ALA A 191 4.10 27.02 -28.80
CA ALA A 191 2.67 26.95 -29.17
C ALA A 191 1.72 27.33 -28.03
N GLU A 192 2.19 27.16 -26.78
CA GLU A 192 1.39 27.45 -25.58
C GLU A 192 1.70 28.82 -24.96
N GLU A 193 2.63 29.56 -25.57
CA GLU A 193 3.06 30.85 -25.05
C GLU A 193 1.88 31.79 -24.76
N LYS A 194 0.95 31.88 -25.70
CA LYS A 194 -0.19 32.79 -25.59
C LYS A 194 -1.08 32.46 -24.36
N ASN A 195 -1.18 31.19 -24.04
CA ASN A 195 -1.95 30.72 -22.87
C ASN A 195 -1.23 30.93 -21.53
N TYR A 196 0.09 31.08 -21.58
CA TYR A 196 0.92 31.19 -20.38
C TYR A 196 0.74 32.56 -19.71
N ALA A 197 0.08 32.56 -18.56
CA ALA A 197 -0.14 33.79 -17.80
C ALA A 197 1.19 34.36 -17.28
N TRP A 198 1.23 35.68 -17.10
CA TRP A 198 2.35 36.31 -16.40
C TRP A 198 2.01 36.30 -14.92
N GLY A 199 3.01 36.04 -14.08
CA GLY A 199 2.88 36.21 -12.64
C GLY A 199 3.15 37.67 -12.31
N TYR A 200 2.68 38.12 -11.15
CA TYR A 200 2.86 39.52 -10.76
C TYR A 200 3.39 39.62 -9.32
N ARG A 201 4.62 40.12 -9.22
CA ARG A 201 5.29 40.39 -7.94
C ARG A 201 5.59 41.88 -7.88
N GLU A 202 5.00 42.56 -6.89
CA GLU A 202 5.13 44.01 -6.73
C GLU A 202 4.92 44.78 -8.05
N GLY A 203 3.90 44.38 -8.81
CA GLY A 203 3.55 45.05 -10.07
C GLY A 203 4.31 44.56 -11.30
N LYS A 204 5.41 43.84 -11.06
CA LYS A 204 6.28 43.41 -12.15
C LYS A 204 5.83 42.06 -12.67
N ALA A 205 5.76 41.93 -14.00
CA ALA A 205 5.43 40.66 -14.65
C ALA A 205 6.64 39.75 -14.54
N VAL A 206 6.43 38.53 -14.05
CA VAL A 206 7.52 37.57 -13.84
C VAL A 206 7.10 36.12 -14.09
N HIS A 207 8.05 35.33 -14.61
CA HIS A 207 7.93 33.88 -14.67
C HIS A 207 9.00 33.22 -13.82
N VAL A 208 8.82 31.93 -13.53
CA VAL A 208 9.72 31.19 -12.65
C VAL A 208 11.13 31.11 -13.26
N SER A 209 12.15 31.35 -12.42
CA SER A 209 13.54 31.28 -12.87
C SER A 209 14.04 29.84 -12.95
N PRO A 210 14.88 29.54 -13.97
CA PRO A 210 15.44 28.19 -14.06
C PRO A 210 16.39 27.89 -12.89
N GLY A 211 16.53 26.62 -12.54
CA GLY A 211 17.41 26.20 -11.45
C GLY A 211 17.56 24.70 -11.36
N ALA A 212 18.51 24.26 -10.54
CA ALA A 212 18.75 22.84 -10.34
C ALA A 212 17.57 22.19 -9.63
N LEU A 213 17.13 21.07 -10.19
CA LEU A 213 16.00 20.31 -9.68
C LEU A 213 14.66 21.08 -9.68
N ASP A 214 14.55 22.06 -10.58
CA ASP A 214 13.33 22.86 -10.69
C ASP A 214 12.13 22.03 -11.15
N ALA A 215 12.32 21.17 -12.16
CA ALA A 215 11.26 20.29 -12.65
C ALA A 215 10.70 19.40 -11.54
N GLU A 216 11.60 18.90 -10.71
CA GLU A 216 11.26 17.95 -9.65
C GLU A 216 10.56 18.61 -8.45
N ALA A 217 10.89 19.88 -8.18
CA ALA A 217 10.42 20.57 -6.98
C ALA A 217 9.33 21.64 -7.21
N TYR A 218 9.44 22.43 -8.27
CA TYR A 218 8.56 23.60 -8.41
C TYR A 218 8.27 24.10 -9.82
N GLY A 219 8.49 23.27 -10.84
CA GLY A 219 8.51 23.75 -12.22
C GLY A 219 7.34 23.39 -13.12
N VAL A 220 6.28 22.79 -12.58
CA VAL A 220 5.15 22.39 -13.40
C VAL A 220 4.23 23.58 -13.61
N LYS A 221 3.75 23.73 -14.85
CA LYS A 221 2.71 24.69 -15.20
C LYS A 221 1.52 23.91 -15.71
N SER A 222 0.32 24.37 -15.38
CA SER A 222 -0.89 23.66 -15.78
C SER A 222 -2.10 24.57 -15.87
N THR A 223 -3.18 24.03 -16.43
CA THR A 223 -4.47 24.73 -16.54
C THR A 223 -5.44 24.25 -15.47
N ILE A 224 -6.52 25.01 -15.27
CA ILE A 224 -7.52 24.66 -14.27
C ILE A 224 -8.24 23.35 -14.61
N GLU A 225 -8.36 23.04 -15.90
CA GLU A 225 -8.97 21.79 -16.37
C GLU A 225 -8.11 20.58 -16.04
N ASP A 226 -6.84 20.65 -16.38
CA ASP A 226 -5.92 19.56 -16.05
C ASP A 226 -5.78 19.36 -14.53
N MET A 227 -5.72 20.46 -13.79
CA MET A 227 -5.62 20.37 -12.34
C MET A 227 -6.88 19.78 -11.71
N ALA A 228 -8.05 20.10 -12.28
CA ALA A 228 -9.30 19.45 -11.88
C ALA A 228 -9.25 17.95 -12.14
N ARG A 229 -8.71 17.59 -13.30
CA ARG A 229 -8.51 16.20 -13.67
C ARG A 229 -7.50 15.49 -12.76
N TRP A 230 -6.45 16.22 -12.37
CA TRP A 230 -5.48 15.74 -11.40
C TRP A 230 -6.13 15.44 -10.04
N VAL A 231 -7.01 16.33 -9.60
CA VAL A 231 -7.77 16.17 -8.36
C VAL A 231 -8.67 14.94 -8.42
N GLN A 232 -9.41 14.77 -9.52
CA GLN A 232 -10.27 13.59 -9.70
C GLN A 232 -9.45 12.30 -9.67
N SER A 233 -8.29 12.31 -10.34
CA SER A 233 -7.41 11.16 -10.37
C SER A 233 -6.96 10.77 -8.95
N ASN A 234 -6.69 11.77 -8.11
CA ASN A 234 -6.29 11.58 -6.72
C ASN A 234 -7.45 11.29 -5.77
N LEU A 235 -8.65 11.75 -6.14
CA LEU A 235 -9.89 11.44 -5.41
C LEU A 235 -10.24 9.96 -5.55
N LYS A 236 -10.18 9.46 -6.79
CA LYS A 236 -10.56 8.09 -7.12
C LYS A 236 -9.47 7.34 -7.90
N PRO A 237 -8.36 7.00 -7.22
CA PRO A 237 -7.25 6.31 -7.90
C PRO A 237 -7.64 4.96 -8.53
N LEU A 238 -8.53 4.22 -7.88
CA LEU A 238 -8.90 2.88 -8.34
C LEU A 238 -9.81 2.89 -9.56
N ASP A 239 -10.22 4.07 -10.02
CA ASP A 239 -10.87 4.24 -11.31
C ASP A 239 -9.89 4.43 -12.47
N ILE A 240 -8.62 4.62 -12.16
CA ILE A 240 -7.58 4.75 -13.17
C ILE A 240 -7.18 3.36 -13.68
N ASN A 241 -7.08 3.24 -15.00
CA ASN A 241 -6.82 1.95 -15.65
C ASN A 241 -5.38 1.49 -15.56
N GLU A 242 -4.44 2.45 -15.51
CA GLU A 242 -3.02 2.15 -15.36
C GLU A 242 -2.72 1.55 -14.00
N LYS A 243 -2.21 0.32 -14.00
CA LYS A 243 -2.06 -0.48 -12.77
C LYS A 243 -1.11 0.16 -11.76
N THR A 244 0.07 0.56 -12.23
CA THR A 244 1.10 1.10 -11.34
C THR A 244 0.85 2.58 -10.93
N LEU A 245 0.21 3.34 -11.82
CA LEU A 245 -0.17 4.73 -11.54
C LEU A 245 -1.24 4.79 -10.44
N GLN A 246 -2.21 3.89 -10.56
CA GLN A 246 -3.25 3.71 -9.54
C GLN A 246 -2.64 3.53 -8.16
N GLN A 247 -1.70 2.58 -8.06
CA GLN A 247 -1.01 2.30 -6.80
C GLN A 247 -0.09 3.45 -6.37
N GLY A 248 0.56 4.11 -7.33
CA GLY A 248 1.44 5.23 -7.02
C GLY A 248 0.75 6.44 -6.40
N ILE A 249 -0.51 6.67 -6.77
CA ILE A 249 -1.32 7.73 -6.18
C ILE A 249 -1.60 7.39 -4.72
N GLN A 250 -1.93 6.13 -4.46
CA GLN A 250 -2.19 5.65 -3.11
C GLN A 250 -0.96 5.73 -2.21
N LEU A 251 0.19 5.35 -2.74
CA LEU A 251 1.46 5.45 -2.00
C LEU A 251 1.77 6.91 -1.64
N ALA A 252 1.51 7.83 -2.56
CA ALA A 252 1.76 9.26 -2.33
C ALA A 252 0.86 9.85 -1.24
N GLN A 253 -0.35 9.31 -1.09
CA GLN A 253 -1.30 9.71 -0.05
C GLN A 253 -1.23 8.89 1.24
N SER A 254 -0.21 8.03 1.38
CA SER A 254 0.02 7.30 2.62
C SER A 254 0.62 8.21 3.71
N ARG A 255 0.38 7.86 4.97
CA ARG A 255 0.90 8.63 6.10
C ARG A 255 2.21 8.03 6.59
N TYR A 256 3.33 8.67 6.28
CA TYR A 256 4.65 8.18 6.66
C TYR A 256 5.13 8.75 7.98
N TRP A 257 4.80 10.02 8.23
CA TRP A 257 5.22 10.73 9.42
C TRP A 257 4.07 11.57 9.97
N GLN A 258 4.09 11.79 11.29
CA GLN A 258 3.15 12.68 11.95
C GLN A 258 3.88 13.82 12.67
N THR A 259 3.36 15.02 12.49
CA THR A 259 3.75 16.19 13.27
C THR A 259 2.47 16.88 13.71
N GLY A 260 2.09 16.66 14.97
CA GLY A 260 0.80 17.10 15.48
C GLY A 260 -0.35 16.47 14.71
N ASP A 261 -1.20 17.31 14.13
CA ASP A 261 -2.34 16.84 13.34
C ASP A 261 -2.02 16.64 11.86
N MET A 262 -0.85 17.09 11.43
CA MET A 262 -0.41 16.95 10.02
C MET A 262 0.31 15.62 9.80
N TYR A 263 0.01 14.98 8.67
CA TYR A 263 0.71 13.80 8.19
C TYR A 263 1.39 14.11 6.86
N GLN A 264 2.63 13.62 6.73
CA GLN A 264 3.43 13.84 5.52
C GLN A 264 3.33 12.62 4.60
N GLY A 265 2.82 12.84 3.38
CA GLY A 265 2.87 11.83 2.32
C GLY A 265 4.04 12.08 1.38
N LEU A 266 3.93 11.59 0.14
CA LEU A 266 4.88 11.93 -0.91
C LEU A 266 4.28 13.09 -1.71
N GLY A 267 4.82 14.29 -1.49
CA GLY A 267 4.26 15.51 -2.06
C GLY A 267 3.04 15.99 -1.28
N TRP A 268 2.01 15.17 -1.24
CA TRP A 268 0.79 15.47 -0.51
C TRP A 268 1.01 15.54 1.00
N GLU A 269 0.28 16.45 1.62
CA GLU A 269 0.15 16.54 3.07
C GLU A 269 -1.31 16.32 3.45
N MET A 270 -1.54 15.66 4.59
CA MET A 270 -2.88 15.24 4.98
C MET A 270 -3.21 15.51 6.47
N LEU A 271 -4.51 15.64 6.74
CA LEU A 271 -5.05 15.62 8.10
C LEU A 271 -6.30 14.73 8.11
N ASP A 272 -6.62 14.20 9.27
CA ASP A 272 -7.85 13.44 9.46
C ASP A 272 -9.05 14.35 9.22
N TRP A 273 -10.04 13.85 8.50
CA TRP A 273 -11.30 14.55 8.31
C TRP A 273 -12.29 14.00 9.36
N PRO A 274 -13.06 14.88 10.03
CA PRO A 274 -13.10 16.33 9.90
C PRO A 274 -11.87 17.01 10.47
N VAL A 275 -11.48 18.11 9.85
CA VAL A 275 -10.31 18.86 10.27
C VAL A 275 -10.75 20.08 11.05
N ASN A 276 -10.02 20.40 12.11
CA ASN A 276 -10.17 21.68 12.76
C ASN A 276 -9.61 22.73 11.80
N PRO A 277 -10.45 23.67 11.31
CA PRO A 277 -9.94 24.66 10.35
C PRO A 277 -8.73 25.47 10.87
N ASP A 278 -8.66 25.69 12.18
CA ASP A 278 -7.51 26.36 12.78
C ASP A 278 -6.20 25.59 12.63
N SER A 279 -6.29 24.27 12.46
CA SER A 279 -5.11 23.42 12.21
C SER A 279 -4.50 23.66 10.83
N ILE A 280 -5.32 24.11 9.88
CA ILE A 280 -4.86 24.34 8.50
C ILE A 280 -4.78 25.83 8.10
N ILE A 281 -5.57 26.69 8.73
CA ILE A 281 -5.55 28.12 8.37
C ILE A 281 -4.26 28.80 8.85
N ILE A 288 6.60 32.09 8.16
CA ILE A 288 7.83 31.46 8.67
C ILE A 288 8.72 30.94 7.55
N ALA A 289 9.97 31.37 7.55
CA ALA A 289 10.95 30.99 6.54
C ALA A 289 11.43 29.54 6.72
N LEU A 290 11.64 29.13 7.98
CA LEU A 290 12.08 27.77 8.33
C LEU A 290 11.36 27.30 9.60
N ALA A 291 10.66 26.17 9.49
CA ALA A 291 9.98 25.55 10.63
C ALA A 291 10.45 24.10 10.84
N ALA A 292 11.43 23.90 11.74
CA ALA A 292 11.91 22.56 12.07
C ALA A 292 10.96 21.89 13.08
N ARG A 293 10.38 20.75 12.69
CA ARG A 293 9.45 20.02 13.53
C ARG A 293 9.88 18.56 13.72
N PRO A 294 9.94 18.10 14.98
CA PRO A 294 10.18 16.67 15.19
C PRO A 294 9.05 15.80 14.63
N VAL A 295 9.40 14.66 14.07
CA VAL A 295 8.41 13.78 13.43
C VAL A 295 8.25 12.48 14.20
N LYS A 296 7.02 12.00 14.29
CA LYS A 296 6.75 10.67 14.78
C LYS A 296 6.62 9.76 13.55
N ALA A 297 7.42 8.70 13.52
CA ALA A 297 7.29 7.68 12.48
C ALA A 297 5.98 6.94 12.68
N ILE A 298 5.23 6.75 11.61
CA ILE A 298 4.03 5.94 11.63
C ILE A 298 4.45 4.52 11.21
N THR A 299 4.34 3.58 12.15
CA THR A 299 4.97 2.26 12.02
C THR A 299 3.94 1.12 12.09
N PRO A 300 3.55 0.57 10.94
CA PRO A 300 3.95 0.95 9.58
C PRO A 300 3.12 2.13 9.08
N PRO A 301 3.50 2.70 7.91
CA PRO A 301 2.73 3.79 7.31
C PRO A 301 1.28 3.42 7.04
N THR A 302 0.37 4.34 7.32
CA THR A 302 -1.05 4.12 7.08
C THR A 302 -1.34 4.33 5.60
N PRO A 303 -1.96 3.33 4.92
CA PRO A 303 -2.36 3.53 3.53
C PRO A 303 -3.36 4.66 3.38
N ALA A 304 -3.45 5.21 2.19
CA ALA A 304 -4.34 6.33 1.91
C ALA A 304 -5.69 6.23 2.66
N VAL A 305 -5.92 7.15 3.60
CA VAL A 305 -7.15 7.18 4.37
C VAL A 305 -8.16 8.07 3.63
N ARG A 306 -9.32 7.53 3.30
CA ARG A 306 -10.34 8.31 2.57
C ARG A 306 -10.93 9.43 3.42
N ALA A 307 -11.02 9.19 4.73
CA ALA A 307 -11.43 10.22 5.68
C ALA A 307 -10.29 11.17 5.97
N SER A 308 -9.91 11.97 4.97
CA SER A 308 -8.77 12.87 5.06
C SER A 308 -8.98 14.19 4.34
N TRP A 309 -8.37 15.25 4.85
CA TRP A 309 -8.16 16.50 4.12
C TRP A 309 -6.77 16.43 3.53
N VAL A 310 -6.70 16.21 2.23
CA VAL A 310 -5.46 16.08 1.49
C VAL A 310 -5.25 17.40 0.75
N HIS A 311 -4.05 17.97 0.85
CA HIS A 311 -3.80 19.28 0.28
C HIS A 311 -2.32 19.60 0.04
N LYS A 312 -2.12 20.68 -0.71
CA LYS A 312 -0.78 21.21 -0.97
C LYS A 312 -0.91 22.65 -1.45
N THR A 313 -0.13 23.53 -0.80
CA THR A 313 0.03 24.91 -1.25
C THR A 313 1.24 25.00 -2.17
N GLY A 314 1.23 25.99 -3.03
CA GLY A 314 2.37 26.22 -3.92
C GLY A 314 2.50 27.68 -4.25
N ALA A 315 3.75 28.14 -4.38
CA ALA A 315 4.02 29.51 -4.75
C ALA A 315 5.30 29.65 -5.57
N THR A 316 5.27 30.56 -6.52
CA THR A 316 6.48 31.06 -7.17
C THR A 316 6.48 32.55 -6.92
N GLY A 317 7.47 33.26 -7.47
CA GLY A 317 7.58 34.70 -7.28
C GLY A 317 6.30 35.44 -7.65
N GLY A 318 5.68 35.02 -8.76
CA GLY A 318 4.50 35.67 -9.30
C GLY A 318 3.19 34.92 -9.21
N PHE A 319 3.20 33.71 -8.65
CA PHE A 319 2.01 32.85 -8.61
C PHE A 319 1.76 32.28 -7.22
N GLY A 320 0.49 31.99 -6.94
CA GLY A 320 0.11 31.31 -5.70
C GLY A 320 -1.01 30.33 -5.99
N SER A 321 -0.78 29.06 -5.65
CA SER A 321 -1.71 27.98 -5.97
C SER A 321 -2.10 27.20 -4.73
N TYR A 322 -3.22 26.50 -4.83
CA TYR A 322 -3.71 25.65 -3.74
C TYR A 322 -4.61 24.54 -4.27
N VAL A 323 -4.35 23.32 -3.81
CA VAL A 323 -5.18 22.17 -4.11
C VAL A 323 -5.57 21.50 -2.80
N ALA A 324 -6.85 21.13 -2.67
CA ALA A 324 -7.34 20.41 -1.49
C ALA A 324 -8.49 19.48 -1.87
N PHE A 325 -8.53 18.30 -1.27
CA PHE A 325 -9.64 17.38 -1.50
C PHE A 325 -9.90 16.40 -0.35
N ILE A 326 -11.12 15.88 -0.32
CA ILE A 326 -11.55 14.90 0.68
C ILE A 326 -12.08 13.67 -0.05
N PRO A 327 -11.27 12.61 -0.14
CA PRO A 327 -11.66 11.41 -0.88
C PRO A 327 -13.03 10.86 -0.49
N GLU A 328 -13.31 10.83 0.81
CA GLU A 328 -14.57 10.30 1.33
C GLU A 328 -15.80 11.00 0.74
N LYS A 329 -15.68 12.29 0.49
CA LYS A 329 -16.81 13.10 0.03
C LYS A 329 -16.81 13.30 -1.47
N GLU A 330 -15.81 12.72 -2.15
CA GLU A 330 -15.59 12.94 -3.59
C GLU A 330 -15.62 14.44 -3.93
N LEU A 331 -14.96 15.21 -3.08
CA LEU A 331 -15.02 16.66 -3.11
C LEU A 331 -13.60 17.23 -3.13
N GLY A 332 -13.40 18.22 -3.99
CA GLY A 332 -12.10 18.91 -4.05
C GLY A 332 -12.15 20.28 -4.67
N ILE A 333 -11.05 20.99 -4.55
CA ILE A 333 -10.92 22.35 -5.08
C ILE A 333 -9.51 22.63 -5.55
N VAL A 334 -9.41 23.38 -6.64
CA VAL A 334 -8.16 23.91 -7.14
C VAL A 334 -8.31 25.43 -7.27
N MET A 335 -7.33 26.15 -6.72
CA MET A 335 -7.29 27.61 -6.77
C MET A 335 -5.94 28.07 -7.33
N LEU A 336 -5.97 28.66 -8.52
CA LEU A 336 -4.77 29.11 -9.22
C LEU A 336 -4.87 30.61 -9.44
N ALA A 337 -3.82 31.33 -9.06
CA ALA A 337 -3.78 32.79 -9.17
C ALA A 337 -2.41 33.26 -9.61
N ASN A 338 -2.36 34.35 -10.38
CA ASN A 338 -1.09 34.92 -10.85
C ASN A 338 -0.56 36.04 -9.94
N LYS A 339 -0.66 35.81 -8.64
CA LYS A 339 0.00 36.61 -7.61
C LYS A 339 0.22 35.69 -6.41
N ASN A 340 1.37 35.79 -5.76
CA ASN A 340 1.66 35.02 -4.55
C ASN A 340 1.07 35.73 -3.34
N TYR A 341 -0.08 35.25 -2.87
CA TYR A 341 -0.78 35.87 -1.74
C TYR A 341 -0.78 34.92 -0.52
N PRO A 342 -0.99 35.47 0.69
CA PRO A 342 -0.85 34.67 1.92
C PRO A 342 -1.61 33.34 1.91
N ASN A 343 -0.90 32.27 2.29
CA ASN A 343 -1.45 30.91 2.36
C ASN A 343 -2.74 30.77 3.18
N PRO A 344 -2.79 31.38 4.38
CA PRO A 344 -4.04 31.23 5.18
C PRO A 344 -5.27 31.71 4.45
N ALA A 345 -5.12 32.73 3.61
CA ALA A 345 -6.22 33.25 2.81
C ALA A 345 -6.75 32.22 1.81
N ARG A 346 -5.84 31.41 1.26
CA ARG A 346 -6.19 30.34 0.30
C ARG A 346 -6.96 29.24 0.99
N VAL A 347 -6.39 28.75 2.10
CA VAL A 347 -6.95 27.64 2.85
C VAL A 347 -8.30 28.02 3.45
N ASP A 348 -8.41 29.25 3.92
CA ASP A 348 -9.68 29.76 4.44
C ASP A 348 -10.76 29.71 3.37
N ALA A 349 -10.47 30.25 2.19
CA ALA A 349 -11.44 30.27 1.09
C ALA A 349 -11.82 28.85 0.67
N ALA A 350 -10.81 28.00 0.47
CA ALA A 350 -11.02 26.59 0.18
C ALA A 350 -11.87 25.91 1.24
N TRP A 351 -11.56 26.17 2.52
CA TRP A 351 -12.33 25.65 3.63
C TRP A 351 -13.79 26.06 3.57
N GLN A 352 -14.00 27.35 3.36
CA GLN A 352 -15.35 27.93 3.26
C GLN A 352 -16.17 27.20 2.21
N ILE A 353 -15.56 26.95 1.06
CA ILE A 353 -16.24 26.33 -0.09
C ILE A 353 -16.52 24.85 0.15
N LEU A 354 -15.49 24.09 0.51
CA LEU A 354 -15.65 22.65 0.68
C LEU A 354 -16.53 22.29 1.88
N ASN A 355 -16.41 23.03 2.97
CA ASN A 355 -17.29 22.83 4.12
C ASN A 355 -18.75 23.16 3.81
N ALA A 356 -18.98 24.14 2.93
CA ALA A 356 -20.35 24.45 2.49
C ALA A 356 -20.93 23.33 1.63
N LEU A 357 -20.08 22.63 0.87
CA LEU A 357 -20.54 21.62 -0.08
C LEU A 357 -20.58 20.19 0.47
N GLN A 358 -19.86 19.92 1.55
CA GLN A 358 -19.69 18.53 2.02
C GLN A 358 -20.95 18.04 2.74
N ALA B 1 -6.18 -30.23 -20.25
CA ALA B 1 -5.00 -29.36 -19.98
C ALA B 1 -3.92 -29.56 -21.05
N PRO B 2 -3.12 -28.50 -21.35
CA PRO B 2 -1.93 -28.64 -22.18
C PRO B 2 -1.00 -29.74 -21.68
N GLN B 3 -0.43 -30.51 -22.62
CA GLN B 3 0.34 -31.71 -22.30
C GLN B 3 1.55 -31.44 -21.37
N GLN B 4 2.17 -30.26 -21.51
CA GLN B 4 3.28 -29.86 -20.64
C GLN B 4 2.90 -29.82 -19.15
N ILE B 5 1.66 -29.40 -18.86
CA ILE B 5 1.16 -29.34 -17.49
C ILE B 5 0.86 -30.75 -16.97
N ASN B 6 0.18 -31.55 -17.81
CA ASN B 6 -0.10 -32.95 -17.47
C ASN B 6 1.16 -33.75 -17.13
N ASP B 7 2.23 -33.52 -17.90
CA ASP B 7 3.48 -34.24 -17.72
C ASP B 7 4.20 -33.88 -16.44
N ILE B 8 4.39 -32.58 -16.21
CA ILE B 8 5.12 -32.14 -15.03
C ILE B 8 4.35 -32.45 -13.73
N VAL B 9 3.02 -32.29 -13.75
CA VAL B 9 2.18 -32.62 -12.60
C VAL B 9 2.25 -34.11 -12.27
N HIS B 10 2.09 -34.95 -13.30
CA HIS B 10 2.08 -36.39 -13.11
C HIS B 10 3.43 -36.92 -12.65
N ARG B 11 4.51 -36.47 -13.27
CA ARG B 11 5.86 -36.91 -12.91
C ARG B 11 6.35 -36.37 -11.57
N THR B 12 5.67 -35.36 -11.04
CA THR B 12 6.04 -34.76 -9.75
C THR B 12 5.14 -35.22 -8.59
N ILE B 13 3.83 -35.09 -8.79
CA ILE B 13 2.86 -35.36 -7.71
C ILE B 13 2.61 -36.85 -7.49
N THR B 14 2.55 -37.65 -8.56
CA THR B 14 2.23 -39.08 -8.42
C THR B 14 3.24 -39.81 -7.53
N PRO B 15 4.56 -39.62 -7.77
CA PRO B 15 5.56 -40.24 -6.90
C PRO B 15 5.55 -39.72 -5.46
N LEU B 16 5.33 -38.42 -5.30
CA LEU B 16 5.18 -37.81 -3.98
C LEU B 16 4.08 -38.52 -3.19
N ILE B 17 2.94 -38.77 -3.83
CA ILE B 17 1.82 -39.44 -3.17
C ILE B 17 2.19 -40.87 -2.75
N GLU B 18 2.95 -41.57 -3.58
CA GLU B 18 3.39 -42.93 -3.27
C GLU B 18 4.44 -42.95 -2.16
N GLN B 19 5.42 -42.06 -2.26
CA GLN B 19 6.48 -41.98 -1.25
C GLN B 19 5.98 -41.51 0.13
N GLN B 20 4.93 -40.69 0.14
CA GLN B 20 4.39 -40.14 1.39
C GLN B 20 3.14 -40.88 1.85
N LYS B 21 2.69 -41.86 1.08
CA LYS B 21 1.48 -42.63 1.41
C LYS B 21 0.26 -41.73 1.63
N ILE B 22 0.11 -40.73 0.76
CA ILE B 22 -1.00 -39.80 0.83
C ILE B 22 -2.26 -40.50 0.29
N PRO B 23 -3.30 -40.64 1.14
CA PRO B 23 -4.53 -41.32 0.72
C PRO B 23 -5.32 -40.63 -0.39
N GLY B 24 -5.41 -39.31 -0.33
CA GLY B 24 -6.12 -38.53 -1.33
C GLY B 24 -5.49 -37.18 -1.52
N MET B 25 -5.53 -36.65 -2.75
CA MET B 25 -4.90 -35.38 -3.07
C MET B 25 -5.59 -34.65 -4.21
N ALA B 26 -5.68 -33.33 -4.10
CA ALA B 26 -6.16 -32.50 -5.21
C ALA B 26 -5.12 -31.41 -5.48
N VAL B 27 -4.85 -31.17 -6.76
CA VAL B 27 -3.88 -30.16 -7.19
C VAL B 27 -4.52 -29.25 -8.25
N ALA B 28 -4.28 -27.96 -8.13
CA ALA B 28 -4.70 -26.98 -9.12
C ALA B 28 -3.45 -26.24 -9.59
N VAL B 29 -3.20 -26.25 -10.88
CA VAL B 29 -2.18 -25.39 -11.48
C VAL B 29 -2.88 -24.27 -12.21
N ILE B 30 -2.57 -23.03 -11.82
CA ILE B 30 -3.06 -21.86 -12.53
C ILE B 30 -1.98 -21.48 -13.53
N TYR B 31 -2.32 -21.51 -14.82
CA TYR B 31 -1.36 -21.30 -15.90
C TYR B 31 -1.95 -20.30 -16.87
N GLN B 32 -1.28 -19.16 -17.03
CA GLN B 32 -1.79 -18.05 -17.85
C GLN B 32 -3.23 -17.70 -17.53
N GLY B 33 -3.57 -17.62 -16.24
CA GLY B 33 -4.93 -17.25 -15.81
C GLY B 33 -6.03 -18.25 -16.15
N LYS B 34 -5.70 -19.53 -16.10
CA LYS B 34 -6.70 -20.59 -16.24
C LYS B 34 -6.30 -21.73 -15.32
N PRO B 35 -7.25 -22.25 -14.53
CA PRO B 35 -6.96 -23.34 -13.60
C PRO B 35 -7.03 -24.72 -14.27
N TYR B 36 -6.13 -25.61 -13.85
CA TYR B 36 -6.11 -26.99 -14.34
C TYR B 36 -6.06 -27.92 -13.13
N TYR B 37 -6.99 -28.88 -13.09
CA TYR B 37 -7.26 -29.68 -11.91
C TYR B 37 -6.82 -31.13 -12.05
N PHE B 38 -6.29 -31.68 -10.96
CA PHE B 38 -5.76 -33.03 -10.92
C PHE B 38 -6.19 -33.68 -9.61
N THR B 39 -6.68 -34.92 -9.66
CA THR B 39 -7.18 -35.63 -8.47
C THR B 39 -6.60 -37.04 -8.37
N TRP B 40 -6.36 -37.45 -7.12
CA TRP B 40 -5.83 -38.78 -6.79
C TRP B 40 -6.49 -39.35 -5.54
N GLY B 41 -6.74 -40.66 -5.56
CA GLY B 41 -7.12 -41.41 -4.37
C GLY B 41 -8.45 -41.09 -3.72
N TYR B 42 -8.50 -41.20 -2.40
CA TYR B 42 -9.74 -41.13 -1.64
C TYR B 42 -9.81 -39.98 -0.64
N ALA B 43 -10.98 -39.37 -0.57
CA ALA B 43 -11.35 -38.45 0.52
C ALA B 43 -11.78 -39.22 1.77
N ASP B 44 -12.30 -40.43 1.58
CA ASP B 44 -12.70 -41.33 2.64
C ASP B 44 -12.29 -42.74 2.23
N ILE B 45 -11.28 -43.28 2.90
CA ILE B 45 -10.73 -44.60 2.56
C ILE B 45 -11.75 -45.71 2.78
N ALA B 46 -12.42 -45.70 3.93
CA ALA B 46 -13.39 -46.73 4.32
C ALA B 46 -14.60 -46.79 3.38
N LYS B 47 -15.15 -45.63 3.02
CA LYS B 47 -16.25 -45.58 2.05
C LYS B 47 -15.77 -45.61 0.60
N LYS B 48 -14.45 -45.67 0.39
CA LYS B 48 -13.86 -45.59 -0.95
C LYS B 48 -14.45 -44.43 -1.76
N GLN B 49 -14.64 -43.29 -1.10
CA GLN B 49 -15.12 -42.07 -1.72
C GLN B 49 -13.94 -41.35 -2.36
N PRO B 50 -14.02 -41.06 -3.67
CA PRO B 50 -12.89 -40.46 -4.36
C PRO B 50 -12.75 -38.96 -4.11
N VAL B 51 -11.52 -38.46 -4.20
CA VAL B 51 -11.29 -37.02 -4.21
C VAL B 51 -11.84 -36.44 -5.52
N THR B 52 -12.63 -35.37 -5.39
CA THR B 52 -13.21 -34.67 -6.53
C THR B 52 -12.98 -33.16 -6.41
N GLN B 53 -13.53 -32.41 -7.35
CA GLN B 53 -13.48 -30.96 -7.31
C GLN B 53 -14.36 -30.36 -6.22
N GLN B 54 -15.26 -31.16 -5.66
CA GLN B 54 -16.17 -30.75 -4.58
C GLN B 54 -15.65 -31.16 -3.19
N THR B 55 -14.60 -31.97 -3.13
CA THR B 55 -14.04 -32.41 -1.87
C THR B 55 -13.51 -31.24 -1.02
N LEU B 56 -13.96 -31.20 0.25
CA LEU B 56 -13.49 -30.20 1.19
C LEU B 56 -12.29 -30.71 1.95
N PHE B 57 -11.20 -29.93 1.92
CA PHE B 57 -9.98 -30.22 2.67
C PHE B 57 -9.81 -29.17 3.78
N GLU B 58 -9.12 -29.55 4.85
CA GLU B 58 -8.73 -28.61 5.90
C GLU B 58 -7.45 -27.91 5.49
N LEU B 59 -7.50 -26.58 5.41
CA LEU B 59 -6.39 -25.80 4.90
C LEU B 59 -5.30 -25.61 5.94
N GLY B 60 -5.66 -25.77 7.21
CA GLY B 60 -4.75 -25.51 8.32
C GLY B 60 -4.30 -24.06 8.31
N SER B 61 -2.99 -23.86 8.42
CA SER B 61 -2.41 -22.52 8.51
C SER B 61 -2.48 -21.67 7.23
N VAL B 62 -2.85 -22.28 6.10
CA VAL B 62 -3.16 -21.50 4.90
C VAL B 62 -4.39 -20.59 5.14
N SER B 63 -5.21 -20.92 6.14
CA SER B 63 -6.28 -20.02 6.62
C SER B 63 -5.76 -18.63 6.95
N LYS B 64 -4.50 -18.54 7.39
CA LYS B 64 -3.90 -17.26 7.78
C LYS B 64 -3.79 -16.26 6.65
N THR B 65 -3.74 -16.74 5.40
CA THR B 65 -3.77 -15.89 4.22
C THR B 65 -5.14 -15.21 4.07
N PHE B 66 -6.22 -15.89 4.42
CA PHE B 66 -7.57 -15.31 4.44
C PHE B 66 -7.70 -14.28 5.58
N THR B 67 -7.07 -14.56 6.71
CA THR B 67 -7.08 -13.66 7.86
C THR B 67 -6.33 -12.37 7.56
N GLY B 68 -5.15 -12.47 6.96
CA GLY B 68 -4.37 -11.29 6.60
C GLY B 68 -5.06 -10.41 5.57
N VAL B 69 -5.73 -11.04 4.60
CA VAL B 69 -6.51 -10.31 3.60
C VAL B 69 -7.76 -9.65 4.20
N LEU B 70 -8.45 -10.36 5.09
CA LEU B 70 -9.57 -9.76 5.87
C LEU B 70 -9.05 -8.57 6.68
N GLY B 71 -7.89 -8.74 7.30
CA GLY B 71 -7.24 -7.65 8.02
C GLY B 71 -6.89 -6.48 7.12
N GLY B 72 -6.27 -6.77 5.98
CA GLY B 72 -5.94 -5.73 5.00
C GLY B 72 -7.17 -4.99 4.50
N ASP B 73 -8.27 -5.72 4.36
CA ASP B 73 -9.55 -5.16 3.94
C ASP B 73 -10.10 -4.17 4.99
N ALA B 74 -10.01 -4.52 6.27
CA ALA B 74 -10.40 -3.61 7.34
C ALA B 74 -9.50 -2.37 7.38
N ILE B 75 -8.22 -2.54 7.02
CA ILE B 75 -7.31 -1.40 6.92
C ILE B 75 -7.76 -0.45 5.80
N ALA B 76 -8.15 -1.01 4.66
CA ALA B 76 -8.53 -0.23 3.48
C ALA B 76 -9.87 0.48 3.69
N ARG B 77 -10.70 -0.07 4.57
CA ARG B 77 -11.94 0.58 5.00
C ARG B 77 -11.70 1.70 6.02
N GLY B 78 -10.48 1.83 6.53
CA GLY B 78 -10.20 2.82 7.55
C GLY B 78 -10.71 2.43 8.92
N GLU B 79 -10.95 1.14 9.14
CA GLU B 79 -11.46 0.64 10.42
C GLU B 79 -10.33 0.39 11.41
N ILE B 80 -9.19 -0.10 10.90
CA ILE B 80 -8.01 -0.31 11.72
C ILE B 80 -6.77 0.23 11.03
N LYS B 81 -5.73 0.45 11.83
CA LYS B 81 -4.38 0.71 11.34
C LYS B 81 -3.42 -0.28 12.02
N LEU B 82 -2.43 -0.74 11.27
CA LEU B 82 -1.44 -1.66 11.81
C LEU B 82 -0.52 -1.01 12.85
N SER B 83 -0.49 0.32 12.87
CA SER B 83 0.26 1.08 13.87
C SER B 83 -0.48 1.21 15.21
N ASP B 84 -1.77 0.89 15.21
CA ASP B 84 -2.59 0.95 16.43
C ASP B 84 -2.12 -0.04 17.51
N PRO B 85 -2.10 0.40 18.77
CA PRO B 85 -1.82 -0.53 19.87
C PRO B 85 -2.90 -1.59 19.97
N THR B 86 -2.51 -2.80 20.35
CA THR B 86 -3.44 -3.89 20.60
C THR B 86 -4.51 -3.50 21.63
N THR B 87 -4.10 -2.73 22.64
CA THR B 87 -4.96 -2.32 23.74
C THR B 87 -6.06 -1.33 23.33
N LYS B 88 -5.90 -0.68 22.17
CA LYS B 88 -6.96 0.14 21.59
C LYS B 88 -8.21 -0.68 21.25
N TYR B 89 -8.02 -1.94 20.88
CA TYR B 89 -9.13 -2.82 20.49
C TYR B 89 -9.52 -3.82 21.57
N TRP B 90 -8.72 -3.94 22.62
CA TRP B 90 -9.02 -4.81 23.74
C TRP B 90 -8.69 -4.07 25.04
N PRO B 91 -9.63 -3.24 25.53
CA PRO B 91 -9.45 -2.43 26.75
C PRO B 91 -9.11 -3.23 28.01
N GLU B 92 -9.74 -4.39 28.19
CA GLU B 92 -9.48 -5.22 29.38
C GLU B 92 -8.02 -5.67 29.44
N LEU B 93 -7.35 -5.70 28.29
CA LEU B 93 -5.95 -6.09 28.22
C LEU B 93 -5.04 -4.96 28.72
N THR B 94 -4.98 -4.82 30.04
CA THR B 94 -4.30 -3.67 30.66
C THR B 94 -2.82 -3.90 30.99
N ALA B 95 -2.40 -5.16 31.01
CA ALA B 95 -1.04 -5.54 31.40
C ALA B 95 0.04 -4.64 30.74
N LYS B 96 1.10 -4.35 31.50
CA LYS B 96 2.14 -3.41 31.07
C LYS B 96 3.04 -3.96 29.96
N GLN B 97 3.19 -5.28 29.88
CA GLN B 97 4.01 -5.88 28.83
C GLN B 97 3.45 -5.64 27.42
N TRP B 98 2.20 -5.18 27.35
CA TRP B 98 1.53 -4.90 26.07
C TRP B 98 1.81 -3.51 25.54
N ASN B 99 2.55 -2.71 26.31
CA ASN B 99 3.00 -1.41 25.82
C ASN B 99 3.93 -1.57 24.62
N GLY B 100 3.55 -0.94 23.50
CA GLY B 100 4.32 -0.98 22.28
C GLY B 100 3.98 -2.13 21.36
N ILE B 101 3.09 -3.03 21.76
CA ILE B 101 2.66 -4.14 20.88
C ILE B 101 1.48 -3.71 20.00
N THR B 102 1.74 -3.57 18.71
CA THR B 102 0.78 -3.08 17.73
C THR B 102 0.07 -4.22 16.99
N LEU B 103 -0.93 -3.88 16.18
CA LEU B 103 -1.61 -4.84 15.34
C LEU B 103 -0.69 -5.45 14.27
N LEU B 104 0.28 -4.69 13.79
CA LEU B 104 1.30 -5.23 12.88
C LEU B 104 2.06 -6.37 13.56
N HIS B 105 2.50 -6.13 14.79
CA HIS B 105 3.24 -7.12 15.58
C HIS B 105 2.48 -8.44 15.68
N LEU B 106 1.19 -8.35 16.00
CA LEU B 106 0.33 -9.53 16.10
C LEU B 106 0.21 -10.27 14.76
N ALA B 107 -0.02 -9.52 13.69
CA ALA B 107 -0.26 -10.10 12.35
C ALA B 107 0.99 -10.78 11.77
N THR B 108 2.16 -10.29 12.13
CA THR B 108 3.42 -10.74 11.54
C THR B 108 4.30 -11.55 12.50
N TYR B 109 3.74 -11.93 13.65
CA TYR B 109 4.42 -12.80 14.62
C TYR B 109 5.62 -12.12 15.29
N THR B 110 5.59 -10.79 15.39
CA THR B 110 6.74 -10.02 15.88
C THR B 110 6.45 -9.31 17.20
N ALA B 111 5.51 -9.85 17.97
CA ALA B 111 5.08 -9.23 19.23
C ALA B 111 6.09 -9.43 20.36
N GLY B 112 6.97 -10.41 20.22
CA GLY B 112 8.02 -10.69 21.20
C GLY B 112 7.91 -12.05 21.84
N GLY B 113 7.51 -13.05 21.05
CA GLY B 113 7.44 -14.44 21.52
C GLY B 113 6.09 -14.91 22.01
N LEU B 114 5.00 -14.42 21.42
CA LEU B 114 3.69 -15.03 21.65
C LEU B 114 3.77 -16.49 21.22
N PRO B 115 3.19 -17.43 21.99
CA PRO B 115 3.39 -18.86 21.78
C PRO B 115 2.75 -19.45 20.53
N LEU B 116 3.30 -20.58 20.08
CA LEU B 116 2.83 -21.28 18.87
C LEU B 116 1.35 -21.60 18.94
N GLN B 117 0.90 -22.13 20.07
CA GLN B 117 -0.50 -22.51 20.24
C GLN B 117 -1.13 -21.73 21.36
N VAL B 118 -2.40 -21.40 21.19
CA VAL B 118 -3.25 -20.98 22.30
C VAL B 118 -3.49 -22.25 23.12
N PRO B 119 -3.15 -22.20 24.42
CA PRO B 119 -3.28 -23.36 25.30
C PRO B 119 -4.59 -24.11 25.10
N ASP B 120 -4.52 -25.44 25.11
CA ASP B 120 -5.66 -26.30 24.85
C ASP B 120 -6.76 -26.14 25.92
N GLU B 121 -6.35 -25.70 27.11
CA GLU B 121 -7.27 -25.48 28.23
C GLU B 121 -8.02 -24.14 28.19
N VAL B 122 -7.60 -23.24 27.28
CA VAL B 122 -8.28 -21.96 27.09
C VAL B 122 -9.51 -22.15 26.21
N LYS B 123 -10.66 -21.64 26.67
CA LYS B 123 -11.94 -21.81 25.96
C LYS B 123 -12.76 -20.54 25.95
N SER B 124 -13.13 -20.04 27.13
CA SER B 124 -13.98 -18.85 27.21
C SER B 124 -13.19 -17.56 26.97
N SER B 125 -13.92 -16.45 26.86
CA SER B 125 -13.31 -15.13 26.64
C SER B 125 -12.46 -14.70 27.82
N SER B 126 -12.90 -15.08 29.02
CA SER B 126 -12.18 -14.77 30.27
C SER B 126 -10.90 -15.59 30.39
N ASP B 127 -10.93 -16.84 29.92
CA ASP B 127 -9.72 -17.67 29.84
C ASP B 127 -8.72 -17.03 28.89
N LEU B 128 -9.22 -16.43 27.82
CA LEU B 128 -8.39 -15.84 26.79
C LEU B 128 -7.75 -14.54 27.28
N LEU B 129 -8.54 -13.68 27.93
CA LEU B 129 -7.98 -12.48 28.54
C LEU B 129 -6.89 -12.83 29.55
N ARG B 130 -7.21 -13.76 30.44
CA ARG B 130 -6.25 -14.26 31.43
C ARG B 130 -4.95 -14.78 30.79
N PHE B 131 -5.10 -15.54 29.71
CA PHE B 131 -3.96 -16.07 28.97
C PHE B 131 -3.03 -14.95 28.47
N TYR B 132 -3.59 -13.96 27.78
CA TYR B 132 -2.79 -12.86 27.23
C TYR B 132 -2.29 -11.87 28.30
N GLN B 133 -3.08 -11.64 29.34
CA GLN B 133 -2.64 -10.81 30.47
C GLN B 133 -1.44 -11.39 31.21
N ASN B 134 -1.34 -12.71 31.28
CA ASN B 134 -0.25 -13.37 32.01
C ASN B 134 0.97 -13.70 31.14
N TRP B 135 0.84 -13.53 29.82
CA TRP B 135 1.94 -13.79 28.91
C TRP B 135 3.04 -12.77 29.15
N GLN B 136 4.28 -13.25 29.19
CA GLN B 136 5.45 -12.41 29.34
C GLN B 136 6.35 -12.58 28.12
N PRO B 137 6.61 -11.48 27.39
CA PRO B 137 7.45 -11.55 26.18
C PRO B 137 8.90 -11.98 26.43
N ALA B 138 9.43 -12.81 25.54
CA ALA B 138 10.83 -13.22 25.56
C ALA B 138 11.76 -12.19 24.93
N TRP B 139 11.19 -11.31 24.10
CA TRP B 139 11.93 -10.29 23.37
C TRP B 139 11.12 -9.00 23.28
N ALA B 140 11.79 -7.91 22.92
CA ALA B 140 11.14 -6.63 22.71
C ALA B 140 10.24 -6.71 21.47
N PRO B 141 9.19 -5.88 21.41
CA PRO B 141 8.31 -5.87 20.24
C PRO B 141 9.02 -5.45 18.95
N GLY B 142 8.71 -6.13 17.85
CA GLY B 142 9.27 -5.80 16.55
C GLY B 142 10.74 -6.15 16.35
N THR B 143 11.24 -7.12 17.10
CA THR B 143 12.64 -7.53 16.97
C THR B 143 12.81 -8.96 16.44
N GLN B 144 11.92 -9.86 16.85
CA GLN B 144 12.00 -11.29 16.50
C GLN B 144 10.69 -11.82 15.92
N ARG B 145 10.80 -12.65 14.89
CA ARG B 145 9.67 -13.36 14.34
C ARG B 145 9.62 -14.78 14.93
N LEU B 146 8.53 -15.09 15.64
CA LEU B 146 8.23 -16.45 16.09
C LEU B 146 6.84 -16.82 15.62
N TYR B 147 6.79 -17.65 14.59
CA TYR B 147 5.53 -18.12 14.04
C TYR B 147 4.61 -18.64 15.13
N ALA B 148 3.37 -18.17 15.16
CA ALA B 148 2.48 -18.44 16.29
C ALA B 148 1.01 -18.22 16.00
N ASN B 149 0.19 -19.23 16.30
CA ASN B 149 -1.27 -19.12 16.16
C ASN B 149 -1.89 -18.07 17.09
N SER B 150 -1.28 -17.89 18.27
CA SER B 150 -1.80 -16.94 19.26
C SER B 150 -1.53 -15.49 18.87
N SER B 151 -0.63 -15.27 17.92
CA SER B 151 -0.31 -13.92 17.45
C SER B 151 -1.31 -13.47 16.38
N ILE B 152 -1.30 -14.15 15.23
CA ILE B 152 -2.19 -13.80 14.14
C ILE B 152 -3.66 -14.11 14.47
N GLY B 153 -3.88 -15.14 15.29
CA GLY B 153 -5.21 -15.45 15.77
C GLY B 153 -5.86 -14.29 16.49
N LEU B 154 -5.10 -13.65 17.38
CA LEU B 154 -5.56 -12.47 18.07
C LEU B 154 -5.74 -11.30 17.10
N PHE B 155 -4.78 -11.09 16.21
CA PHE B 155 -4.92 -10.05 15.17
C PHE B 155 -6.26 -10.16 14.44
N GLY B 156 -6.61 -11.36 14.01
CA GLY B 156 -7.88 -11.63 13.36
C GLY B 156 -9.09 -11.27 14.21
N ALA B 157 -9.08 -11.67 15.47
CA ALA B 157 -10.21 -11.39 16.38
C ALA B 157 -10.41 -9.89 16.63
N LEU B 158 -9.31 -9.16 16.79
CA LEU B 158 -9.39 -7.73 17.04
C LEU B 158 -9.68 -6.93 15.76
N ALA B 159 -9.21 -7.43 14.63
CA ALA B 159 -9.33 -6.71 13.35
C ALA B 159 -10.77 -6.49 12.91
N VAL B 160 -11.65 -7.39 13.34
CA VAL B 160 -13.06 -7.34 12.96
C VAL B 160 -13.94 -6.57 13.97
N LYS B 161 -13.35 -6.07 15.07
CA LYS B 161 -14.15 -5.46 16.15
C LYS B 161 -14.89 -4.20 15.72
N PRO B 162 -14.21 -3.27 15.03
CA PRO B 162 -14.92 -2.07 14.53
C PRO B 162 -16.13 -2.38 13.65
N SER B 163 -16.02 -3.43 12.83
CA SER B 163 -17.10 -3.84 11.94
C SER B 163 -18.35 -4.25 12.69
N GLY B 164 -18.17 -4.81 13.89
CA GLY B 164 -19.28 -5.25 14.73
C GLY B 164 -19.75 -6.65 14.42
N LEU B 165 -19.08 -7.30 13.48
CA LEU B 165 -19.42 -8.67 13.06
C LEU B 165 -18.51 -9.65 13.78
N SER B 166 -18.97 -10.88 13.93
CA SER B 166 -18.11 -11.98 14.36
C SER B 166 -17.04 -12.18 13.28
N PHE B 167 -15.96 -12.85 13.63
CA PHE B 167 -14.89 -13.12 12.65
C PHE B 167 -15.44 -13.94 11.48
N GLU B 168 -16.22 -14.97 11.77
CA GLU B 168 -16.81 -15.85 10.76
C GLU B 168 -17.73 -15.10 9.79
N GLN B 169 -18.54 -14.20 10.35
CA GLN B 169 -19.45 -13.39 9.55
C GLN B 169 -18.70 -12.39 8.67
N ALA B 170 -17.68 -11.74 9.23
CA ALA B 170 -16.88 -10.78 8.47
C ALA B 170 -16.09 -11.46 7.33
N MET B 171 -15.58 -12.66 7.59
CA MET B 171 -14.84 -13.43 6.57
C MET B 171 -15.76 -13.82 5.41
N GLN B 172 -16.91 -14.41 5.73
CA GLN B 172 -17.90 -14.82 4.71
C GLN B 172 -18.37 -13.64 3.85
N THR B 173 -18.66 -12.51 4.49
CA THR B 173 -19.27 -11.37 3.81
C THR B 173 -18.27 -10.47 3.07
N ARG B 174 -17.04 -10.35 3.59
CA ARG B 174 -16.05 -9.44 3.02
C ARG B 174 -15.02 -10.11 2.13
N VAL B 175 -14.79 -11.41 2.32
CA VAL B 175 -13.79 -12.14 1.55
C VAL B 175 -14.41 -13.26 0.70
N PHE B 176 -15.02 -14.25 1.34
CA PHE B 176 -15.54 -15.43 0.63
C PHE B 176 -16.60 -15.09 -0.42
N GLN B 177 -17.60 -14.30 -0.03
CA GLN B 177 -18.73 -14.01 -0.92
C GLN B 177 -18.36 -13.13 -2.12
N PRO B 178 -17.67 -12.00 -1.88
CA PRO B 178 -17.24 -11.19 -3.02
C PRO B 178 -16.33 -11.90 -4.03
N LEU B 179 -15.54 -12.86 -3.56
CA LEU B 179 -14.67 -13.63 -4.45
C LEU B 179 -15.35 -14.89 -4.97
N LYS B 180 -16.64 -15.04 -4.66
CA LYS B 180 -17.44 -16.20 -5.08
C LYS B 180 -16.81 -17.52 -4.63
N LEU B 181 -16.31 -17.54 -3.40
CA LEU B 181 -15.81 -18.77 -2.80
C LEU B 181 -16.99 -19.42 -2.07
N ASN B 182 -17.86 -20.04 -2.86
CA ASN B 182 -19.14 -20.57 -2.37
C ASN B 182 -19.05 -21.94 -1.71
N HIS B 183 -17.87 -22.57 -1.73
CA HIS B 183 -17.65 -23.84 -1.04
C HIS B 183 -16.44 -23.78 -0.09
N THR B 184 -16.29 -22.62 0.56
CA THR B 184 -15.24 -22.36 1.53
C THR B 184 -15.90 -22.01 2.86
N TRP B 185 -15.53 -22.73 3.92
CA TRP B 185 -16.23 -22.65 5.20
C TRP B 185 -15.27 -22.60 6.37
N ILE B 186 -15.64 -21.84 7.40
CA ILE B 186 -15.00 -21.92 8.72
C ILE B 186 -15.70 -23.04 9.51
N ASN B 187 -17.02 -23.11 9.37
CA ASN B 187 -17.82 -24.22 9.90
C ASN B 187 -18.54 -24.91 8.75
N VAL B 188 -18.25 -26.19 8.57
CA VAL B 188 -18.82 -26.94 7.44
C VAL B 188 -20.31 -27.18 7.70
N PRO B 189 -21.18 -26.73 6.76
CA PRO B 189 -22.62 -26.91 6.93
C PRO B 189 -23.07 -28.35 6.70
N PRO B 190 -24.24 -28.74 7.27
CA PRO B 190 -24.84 -30.08 7.07
C PRO B 190 -24.87 -30.55 5.62
N ALA B 191 -25.28 -29.68 4.71
CA ALA B 191 -25.34 -30.01 3.29
C ALA B 191 -23.98 -30.32 2.66
N GLU B 192 -22.89 -29.90 3.32
CA GLU B 192 -21.52 -30.16 2.85
C GLU B 192 -20.83 -31.32 3.57
N GLU B 193 -21.47 -31.87 4.59
CA GLU B 193 -20.94 -33.03 5.33
C GLU B 193 -20.44 -34.13 4.41
N LYS B 194 -21.20 -34.43 3.35
CA LYS B 194 -20.86 -35.48 2.38
C LYS B 194 -19.52 -35.23 1.68
N ASN B 195 -19.23 -33.96 1.40
CA ASN B 195 -18.03 -33.59 0.66
C ASN B 195 -16.79 -33.44 1.55
N TYR B 196 -17.00 -33.37 2.85
CA TYR B 196 -15.91 -33.19 3.81
C TYR B 196 -15.05 -34.46 3.86
N ALA B 197 -13.82 -34.34 3.38
CA ALA B 197 -12.86 -35.44 3.43
C ALA B 197 -12.42 -35.74 4.86
N TRP B 198 -11.96 -36.97 5.08
CA TRP B 198 -11.33 -37.33 6.33
C TRP B 198 -9.83 -37.17 6.18
N GLY B 199 -9.20 -36.60 7.21
CA GLY B 199 -7.75 -36.54 7.29
C GLY B 199 -7.27 -37.82 7.91
N TYR B 200 -6.02 -38.18 7.67
CA TYR B 200 -5.49 -39.44 8.18
C TYR B 200 -4.16 -39.22 8.91
N ARG B 201 -4.14 -39.60 10.18
CA ARG B 201 -2.99 -39.47 11.07
C ARG B 201 -2.77 -40.80 11.80
N GLU B 202 -1.59 -41.38 11.62
CA GLU B 202 -1.27 -42.69 12.20
C GLU B 202 -2.31 -43.76 11.81
N GLY B 203 -2.87 -43.63 10.61
CA GLY B 203 -3.89 -44.57 10.13
C GLY B 203 -5.30 -44.33 10.65
N LYS B 204 -5.51 -43.26 11.41
CA LYS B 204 -6.82 -42.96 11.97
C LYS B 204 -7.48 -41.76 11.27
N ALA B 205 -8.75 -41.90 10.93
CA ALA B 205 -9.53 -40.83 10.32
C ALA B 205 -9.80 -39.74 11.35
N VAL B 206 -9.41 -38.51 11.04
CA VAL B 206 -9.50 -37.38 11.98
C VAL B 206 -9.99 -36.09 11.31
N HIS B 207 -10.64 -35.24 12.13
CA HIS B 207 -10.91 -33.86 11.75
C HIS B 207 -10.33 -32.89 12.80
N VAL B 208 -10.07 -31.65 12.38
CA VAL B 208 -9.49 -30.63 13.25
C VAL B 208 -10.41 -30.37 14.45
N SER B 209 -9.84 -30.39 15.64
CA SER B 209 -10.62 -30.18 16.85
C SER B 209 -10.86 -28.70 17.09
N PRO B 210 -11.99 -28.35 17.75
CA PRO B 210 -12.22 -26.94 18.04
C PRO B 210 -11.24 -26.40 19.06
N GLY B 211 -10.96 -25.10 18.98
CA GLY B 211 -10.03 -24.45 19.88
C GLY B 211 -10.19 -22.95 19.87
N ALA B 212 -9.54 -22.29 20.82
CA ALA B 212 -9.56 -20.84 20.90
C ALA B 212 -8.85 -20.24 19.69
N LEU B 213 -9.54 -19.31 19.04
CA LEU B 213 -9.04 -18.60 17.85
C LEU B 213 -8.70 -19.55 16.69
N ASP B 214 -9.40 -20.67 16.63
CA ASP B 214 -9.17 -21.64 15.55
C ASP B 214 -9.55 -21.08 14.18
N ALA B 215 -10.69 -20.41 14.08
CA ALA B 215 -11.18 -19.83 12.82
C ALA B 215 -10.17 -18.85 12.23
N GLU B 216 -9.55 -18.07 13.11
CA GLU B 216 -8.58 -17.04 12.73
C GLU B 216 -7.23 -17.62 12.32
N ALA B 217 -6.83 -18.72 12.95
CA ALA B 217 -5.49 -19.28 12.76
C ALA B 217 -5.41 -20.48 11.80
N TYR B 218 -6.41 -21.36 11.82
CA TYR B 218 -6.29 -22.64 11.10
C TYR B 218 -7.61 -23.34 10.76
N GLY B 219 -8.72 -22.60 10.75
CA GLY B 219 -10.05 -23.18 10.72
C GLY B 219 -10.81 -23.25 9.39
N VAL B 220 -10.21 -22.77 8.29
CA VAL B 220 -10.89 -22.77 7.00
C VAL B 220 -10.79 -24.13 6.31
N LYS B 221 -11.93 -24.57 5.75
CA LYS B 221 -11.98 -25.74 4.88
C LYS B 221 -12.36 -25.24 3.50
N SER B 222 -11.85 -25.89 2.45
CA SER B 222 -12.17 -25.45 1.09
C SER B 222 -11.92 -26.54 0.06
N THR B 223 -12.40 -26.29 -1.14
CA THR B 223 -12.25 -27.18 -2.28
C THR B 223 -11.11 -26.72 -3.18
N ILE B 224 -10.65 -27.61 -4.06
CA ILE B 224 -9.54 -27.29 -4.98
C ILE B 224 -9.90 -26.15 -5.95
N GLU B 225 -11.17 -26.06 -6.35
CA GLU B 225 -11.65 -25.00 -7.24
C GLU B 225 -11.72 -23.63 -6.57
N ASP B 226 -12.26 -23.58 -5.36
CA ASP B 226 -12.29 -22.34 -4.60
C ASP B 226 -10.85 -21.84 -4.28
N MET B 227 -9.95 -22.76 -3.95
CA MET B 227 -8.55 -22.41 -3.69
C MET B 227 -7.83 -21.95 -4.94
N ALA B 228 -8.18 -22.53 -6.09
CA ALA B 228 -7.69 -22.04 -7.37
C ALA B 228 -8.17 -20.62 -7.65
N ARG B 229 -9.42 -20.34 -7.30
CA ARG B 229 -9.97 -19.00 -7.40
C ARG B 229 -9.33 -18.01 -6.41
N TRP B 230 -9.02 -18.52 -5.21
CA TRP B 230 -8.30 -17.77 -4.20
C TRP B 230 -6.90 -17.36 -4.71
N VAL B 231 -6.21 -18.27 -5.38
CA VAL B 231 -4.89 -17.96 -5.96
C VAL B 231 -5.01 -16.93 -7.10
N GLN B 232 -6.00 -17.10 -7.96
CA GLN B 232 -6.26 -16.12 -9.03
C GLN B 232 -6.55 -14.72 -8.47
N SER B 233 -7.40 -14.63 -7.44
CA SER B 233 -7.68 -13.36 -6.77
C SER B 233 -6.40 -12.67 -6.25
N ASN B 234 -5.49 -13.47 -5.70
CA ASN B 234 -4.21 -12.97 -5.21
C ASN B 234 -3.19 -12.71 -6.32
N LEU B 235 -3.30 -13.42 -7.43
CA LEU B 235 -2.46 -13.18 -8.61
C LEU B 235 -2.80 -11.85 -9.30
N LYS B 236 -4.09 -11.57 -9.43
CA LYS B 236 -4.55 -10.36 -10.11
C LYS B 236 -5.64 -9.63 -9.33
N PRO B 237 -5.24 -8.90 -8.27
CA PRO B 237 -6.21 -8.19 -7.41
C PRO B 237 -6.98 -7.03 -8.06
N LEU B 238 -6.47 -6.46 -9.14
CA LEU B 238 -7.17 -5.35 -9.83
C LEU B 238 -8.46 -5.79 -10.53
N ASP B 239 -8.57 -7.07 -10.87
CA ASP B 239 -9.80 -7.61 -11.45
C ASP B 239 -10.92 -7.79 -10.41
N ILE B 240 -10.59 -7.65 -9.13
CA ILE B 240 -11.58 -7.71 -8.06
C ILE B 240 -12.39 -6.42 -8.02
N ASN B 241 -13.71 -6.54 -7.98
CA ASN B 241 -14.60 -5.39 -8.01
C ASN B 241 -14.62 -4.62 -6.70
N GLU B 242 -14.75 -5.33 -5.58
CA GLU B 242 -14.72 -4.71 -4.26
C GLU B 242 -13.38 -4.01 -4.05
N LYS B 243 -13.44 -2.69 -3.91
CA LYS B 243 -12.23 -1.86 -3.88
C LYS B 243 -11.40 -2.04 -2.60
N THR B 244 -12.05 -2.21 -1.46
CA THR B 244 -11.32 -2.40 -0.20
C THR B 244 -10.70 -3.79 -0.14
N LEU B 245 -11.36 -4.79 -0.76
CA LEU B 245 -10.83 -6.14 -0.87
C LEU B 245 -9.63 -6.19 -1.81
N GLN B 246 -9.77 -5.53 -2.95
CA GLN B 246 -8.65 -5.34 -3.88
C GLN B 246 -7.43 -4.75 -3.16
N GLN B 247 -7.65 -3.70 -2.37
CA GLN B 247 -6.58 -3.08 -1.58
C GLN B 247 -6.06 -3.99 -0.47
N GLY B 248 -6.97 -4.71 0.19
CA GLY B 248 -6.61 -5.59 1.29
C GLY B 248 -5.69 -6.72 0.88
N ILE B 249 -5.94 -7.27 -0.31
CA ILE B 249 -5.07 -8.30 -0.88
C ILE B 249 -3.66 -7.75 -1.15
N GLN B 250 -3.58 -6.55 -1.71
CA GLN B 250 -2.29 -5.92 -1.96
C GLN B 250 -1.53 -5.69 -0.65
N LEU B 251 -2.23 -5.17 0.36
CA LEU B 251 -1.65 -4.92 1.69
C LEU B 251 -1.13 -6.20 2.34
N ALA B 252 -1.81 -7.31 2.11
CA ALA B 252 -1.41 -8.61 2.65
C ALA B 252 -0.12 -9.13 2.00
N GLN B 253 0.15 -8.69 0.76
CA GLN B 253 1.36 -9.05 0.03
C GLN B 253 2.49 -8.04 0.14
N SER B 254 2.30 -6.99 0.93
CA SER B 254 3.35 -6.02 1.20
C SER B 254 4.41 -6.63 2.11
N ARG B 255 5.65 -6.17 1.93
CA ARG B 255 6.79 -6.67 2.71
C ARG B 255 7.10 -5.81 3.92
N TYR B 256 6.68 -6.29 5.10
CA TYR B 256 6.81 -5.53 6.36
C TYR B 256 8.12 -5.82 7.10
N TRP B 257 8.58 -7.06 7.00
CA TRP B 257 9.76 -7.54 7.71
C TRP B 257 10.60 -8.41 6.80
N GLN B 258 11.90 -8.42 7.05
CA GLN B 258 12.83 -9.28 6.32
C GLN B 258 13.62 -10.13 7.32
N THR B 259 13.77 -11.42 6.98
CA THR B 259 14.60 -12.36 7.72
C THR B 259 15.33 -13.19 6.70
N GLY B 260 16.59 -12.85 6.45
CA GLY B 260 17.36 -13.52 5.42
C GLY B 260 16.83 -13.15 4.05
N ASP B 261 16.39 -14.16 3.31
CA ASP B 261 15.79 -13.94 1.98
C ASP B 261 14.26 -13.90 2.03
N MET B 262 13.69 -14.13 3.22
CA MET B 262 12.25 -14.24 3.39
C MET B 262 11.64 -12.90 3.83
N TYR B 263 10.47 -12.60 3.28
CA TYR B 263 9.72 -11.42 3.64
C TYR B 263 8.36 -11.82 4.21
N GLN B 264 7.97 -11.16 5.30
CA GLN B 264 6.71 -11.43 5.97
C GLN B 264 5.64 -10.42 5.54
N GLY B 265 4.52 -10.93 5.03
CA GLY B 265 3.32 -10.14 4.78
C GLY B 265 2.27 -10.40 5.85
N LEU B 266 1.00 -10.11 5.53
CA LEU B 266 -0.13 -10.49 6.39
C LEU B 266 -0.64 -11.87 5.93
N GLY B 267 -0.23 -12.90 6.65
CA GLY B 267 -0.54 -14.28 6.28
C GLY B 267 0.44 -14.80 5.23
N TRP B 268 0.48 -14.14 4.08
CA TRP B 268 1.41 -14.52 3.02
C TRP B 268 2.87 -14.30 3.42
N GLU B 269 3.73 -15.18 2.93
CA GLU B 269 5.17 -15.03 3.03
C GLU B 269 5.74 -14.96 1.62
N MET B 270 6.82 -14.19 1.45
CA MET B 270 7.36 -13.89 0.11
C MET B 270 8.88 -13.97 0.02
N LEU B 271 9.37 -14.34 -1.16
CA LEU B 271 10.80 -14.22 -1.52
C LEU B 271 10.90 -13.61 -2.90
N ASP B 272 12.04 -13.00 -3.21
CA ASP B 272 12.29 -12.49 -4.57
C ASP B 272 12.33 -13.67 -5.55
N TRP B 273 11.64 -13.51 -6.69
CA TRP B 273 11.76 -14.47 -7.80
C TRP B 273 12.84 -13.94 -8.75
N PRO B 274 13.70 -14.83 -9.30
CA PRO B 274 13.79 -16.27 -9.06
C PRO B 274 14.30 -16.62 -7.67
N VAL B 275 13.77 -17.71 -7.12
CA VAL B 275 14.16 -18.18 -5.79
C VAL B 275 15.12 -19.35 -5.90
N ASN B 276 15.95 -19.51 -4.88
CA ASN B 276 16.73 -20.71 -4.71
C ASN B 276 15.82 -21.79 -4.12
N PRO B 277 15.61 -22.91 -4.84
CA PRO B 277 14.69 -23.94 -4.34
C PRO B 277 15.09 -24.55 -2.98
N ASP B 278 16.37 -24.91 -2.86
CA ASP B 278 16.88 -25.50 -1.62
C ASP B 278 16.72 -24.56 -0.43
N SER B 279 16.72 -23.25 -0.67
CA SER B 279 16.47 -22.27 0.37
C SER B 279 15.04 -22.37 0.91
N ILE B 280 14.07 -22.27 0.00
CA ILE B 280 12.65 -22.35 0.39
C ILE B 280 12.25 -23.77 0.81
N ILE B 281 12.85 -24.79 0.20
CA ILE B 281 12.57 -26.19 0.57
C ILE B 281 13.06 -26.47 1.98
N ASN B 282 14.36 -26.27 2.22
CA ASN B 282 14.94 -26.45 3.55
C ASN B 282 14.38 -25.46 4.57
N GLY B 283 14.03 -24.26 4.10
CA GLY B 283 13.43 -23.24 4.95
C GLY B 283 12.05 -23.61 5.48
N SER B 284 11.32 -24.43 4.72
CA SER B 284 9.96 -24.83 5.09
C SER B 284 9.92 -25.88 6.19
N ASP B 285 11.06 -26.49 6.47
CA ASP B 285 11.14 -27.50 7.53
C ASP B 285 10.81 -26.87 8.88
N ASN B 286 9.98 -27.56 9.66
CA ASN B 286 9.50 -27.05 10.96
C ASN B 286 10.59 -26.71 11.99
N LYS B 287 11.73 -27.38 11.91
CA LYS B 287 12.87 -27.04 12.78
C LYS B 287 13.34 -25.60 12.52
N ILE B 288 13.13 -25.11 11.29
CA ILE B 288 13.50 -23.74 10.91
C ILE B 288 12.28 -22.81 10.95
N ALA B 289 11.19 -23.25 10.32
CA ALA B 289 9.98 -22.42 10.17
C ALA B 289 9.33 -22.02 11.51
N LEU B 290 9.44 -22.88 12.51
CA LEU B 290 8.83 -22.65 13.82
C LEU B 290 9.80 -22.08 14.86
N ALA B 291 11.01 -21.73 14.43
CA ALA B 291 12.06 -21.20 15.33
C ALA B 291 12.20 -19.68 15.21
N ALA B 292 12.56 -19.02 16.31
CA ALA B 292 12.64 -17.56 16.33
C ALA B 292 13.78 -17.05 15.46
N ARG B 293 13.50 -16.02 14.68
CA ARG B 293 14.49 -15.39 13.81
C ARG B 293 14.44 -13.87 13.92
N PRO B 294 15.60 -13.21 13.81
CA PRO B 294 15.66 -11.76 13.89
C PRO B 294 15.06 -11.11 12.66
N VAL B 295 14.32 -10.02 12.86
CA VAL B 295 13.67 -9.33 11.75
C VAL B 295 14.20 -7.90 11.61
N LYS B 296 14.46 -7.52 10.36
CA LYS B 296 14.75 -6.14 10.01
C LYS B 296 13.49 -5.48 9.49
N ALA B 297 13.10 -4.37 10.11
CA ALA B 297 11.92 -3.61 9.66
C ALA B 297 12.20 -3.04 8.28
N ILE B 298 11.24 -3.20 7.38
CA ILE B 298 11.34 -2.63 6.04
C ILE B 298 10.68 -1.25 6.12
N THR B 299 11.52 -0.21 6.17
CA THR B 299 11.06 1.15 6.47
C THR B 299 11.11 2.06 5.23
N PRO B 300 9.96 2.29 4.58
CA PRO B 300 8.62 1.77 4.81
C PRO B 300 8.42 0.43 4.09
N PRO B 301 7.28 -0.25 4.31
CA PRO B 301 7.06 -1.54 3.68
C PRO B 301 7.02 -1.46 2.16
N THR B 302 7.55 -2.49 1.51
CA THR B 302 7.53 -2.55 0.04
C THR B 302 6.14 -3.04 -0.38
N PRO B 303 5.49 -2.34 -1.33
CA PRO B 303 4.21 -2.84 -1.84
C PRO B 303 4.43 -4.15 -2.57
N ALA B 304 3.34 -4.86 -2.87
CA ALA B 304 3.41 -6.15 -3.55
C ALA B 304 4.41 -6.13 -4.72
N VAL B 305 5.46 -6.94 -4.59
CA VAL B 305 6.47 -7.07 -5.64
C VAL B 305 6.06 -8.20 -6.62
N ARG B 306 5.78 -7.85 -7.88
CA ARG B 306 5.34 -8.81 -8.89
C ARG B 306 6.32 -9.96 -9.04
N ALA B 307 7.60 -9.64 -9.04
CA ALA B 307 8.65 -10.66 -9.12
C ALA B 307 8.88 -11.35 -7.78
N SER B 308 7.86 -12.03 -7.28
CA SER B 308 7.97 -12.74 -6.00
C SER B 308 7.45 -14.16 -6.08
N TRP B 309 8.09 -15.04 -5.30
CA TRP B 309 7.51 -16.31 -4.90
C TRP B 309 6.68 -16.04 -3.63
N VAL B 310 5.36 -16.03 -3.79
CA VAL B 310 4.44 -15.85 -2.68
C VAL B 310 3.86 -17.21 -2.31
N HIS B 311 3.86 -17.56 -1.03
CA HIS B 311 3.42 -18.88 -0.62
C HIS B 311 2.99 -18.99 0.83
N LYS B 312 2.36 -20.13 1.14
CA LYS B 312 1.98 -20.48 2.50
C LYS B 312 1.74 -21.98 2.64
N THR B 313 2.40 -22.61 3.62
CA THR B 313 2.13 -23.99 3.98
C THR B 313 1.07 -24.02 5.07
N GLY B 314 0.36 -25.13 5.17
CA GLY B 314 -0.62 -25.32 6.24
C GLY B 314 -0.85 -26.78 6.56
N ALA B 315 -1.09 -27.08 7.83
CA ALA B 315 -1.36 -28.44 8.27
C ALA B 315 -2.31 -28.46 9.46
N THR B 316 -3.16 -29.48 9.50
CA THR B 316 -3.89 -29.87 10.70
C THR B 316 -3.33 -31.25 11.04
N GLY B 317 -3.91 -31.92 12.03
CA GLY B 317 -3.45 -33.27 12.37
C GLY B 317 -3.60 -34.26 11.21
N GLY B 318 -4.68 -34.11 10.46
CA GLY B 318 -4.97 -35.03 9.35
C GLY B 318 -4.76 -34.53 7.93
N PHE B 319 -4.39 -33.26 7.75
CA PHE B 319 -4.25 -32.66 6.39
C PHE B 319 -2.94 -31.90 6.20
N GLY B 320 -2.48 -31.81 4.96
CA GLY B 320 -1.33 -31.01 4.58
C GLY B 320 -1.65 -30.22 3.32
N SER B 321 -1.54 -28.90 3.39
CA SER B 321 -1.86 -28.03 2.26
C SER B 321 -0.68 -27.11 1.91
N TYR B 322 -0.68 -26.62 0.67
CA TYR B 322 0.34 -25.68 0.22
C TYR B 322 -0.19 -24.84 -0.92
N VAL B 323 0.12 -23.56 -0.89
CA VAL B 323 -0.25 -22.63 -1.96
C VAL B 323 0.99 -21.81 -2.31
N ALA B 324 1.22 -21.61 -3.60
CA ALA B 324 2.33 -20.81 -4.09
C ALA B 324 1.98 -20.15 -5.41
N PHE B 325 2.44 -18.92 -5.61
CA PHE B 325 2.22 -18.25 -6.89
C PHE B 325 3.29 -17.21 -7.17
N ILE B 326 3.42 -16.87 -8.44
CA ILE B 326 4.41 -15.91 -8.95
C ILE B 326 3.65 -14.89 -9.77
N PRO B 327 3.32 -13.73 -9.18
CA PRO B 327 2.44 -12.78 -9.87
C PRO B 327 2.90 -12.36 -11.27
N GLU B 328 4.20 -12.08 -11.45
CA GLU B 328 4.69 -11.64 -12.75
C GLU B 328 4.56 -12.71 -13.84
N LYS B 329 4.49 -13.98 -13.43
CA LYS B 329 4.35 -15.11 -14.37
C LYS B 329 2.89 -15.55 -14.52
N GLU B 330 2.00 -14.97 -13.73
CA GLU B 330 0.56 -15.34 -13.74
C GLU B 330 0.40 -16.85 -13.55
N LEU B 331 1.15 -17.35 -12.57
CA LEU B 331 1.38 -18.77 -12.43
C LEU B 331 1.21 -19.13 -10.95
N GLY B 332 0.52 -20.22 -10.69
CA GLY B 332 0.29 -20.66 -9.32
C GLY B 332 -0.10 -22.11 -9.20
N ILE B 333 -0.06 -22.59 -7.96
CA ILE B 333 -0.38 -23.96 -7.63
C ILE B 333 -1.02 -24.06 -6.26
N VAL B 334 -1.92 -25.01 -6.13
CA VAL B 334 -2.52 -25.37 -4.85
C VAL B 334 -2.39 -26.88 -4.71
N MET B 335 -1.92 -27.34 -3.56
CA MET B 335 -1.79 -28.76 -3.25
C MET B 335 -2.52 -29.08 -1.95
N LEU B 336 -3.60 -29.85 -2.06
CA LEU B 336 -4.41 -30.24 -0.91
C LEU B 336 -4.37 -31.75 -0.73
N ALA B 337 -3.93 -32.19 0.43
CA ALA B 337 -3.81 -33.62 0.73
C ALA B 337 -4.48 -33.91 2.07
N ASN B 338 -5.13 -35.08 2.17
CA ASN B 338 -5.71 -35.52 3.44
C ASN B 338 -4.77 -36.37 4.28
N LYS B 339 -3.50 -35.96 4.29
CA LYS B 339 -2.49 -36.44 5.23
C LYS B 339 -1.45 -35.33 5.43
N ASN B 340 -1.11 -35.07 6.68
CA ASN B 340 -0.03 -34.15 7.01
C ASN B 340 1.30 -34.82 6.71
N TYR B 341 1.99 -34.35 5.67
CA TYR B 341 3.32 -34.87 5.30
C TYR B 341 4.34 -33.71 5.31
N PRO B 342 5.65 -34.03 5.34
CA PRO B 342 6.68 -33.00 5.54
C PRO B 342 6.59 -31.83 4.57
N ASN B 343 6.69 -30.61 5.11
CA ASN B 343 6.65 -29.38 4.33
C ASN B 343 7.67 -29.33 3.18
N PRO B 344 8.93 -29.73 3.42
CA PRO B 344 9.92 -29.68 2.35
C PRO B 344 9.52 -30.49 1.10
N ALA B 345 8.79 -31.58 1.29
CA ALA B 345 8.26 -32.35 0.16
C ALA B 345 7.21 -31.55 -0.64
N ARG B 346 6.45 -30.70 0.04
CA ARG B 346 5.43 -29.86 -0.62
C ARG B 346 6.06 -28.78 -1.48
N VAL B 347 6.99 -28.03 -0.89
CA VAL B 347 7.70 -26.94 -1.57
C VAL B 347 8.50 -27.47 -2.75
N ASP B 348 9.23 -28.56 -2.54
CA ASP B 348 10.00 -29.25 -3.57
C ASP B 348 9.13 -29.59 -4.79
N ALA B 349 8.01 -30.24 -4.55
CA ALA B 349 7.10 -30.63 -5.62
C ALA B 349 6.51 -29.40 -6.34
N ALA B 350 6.09 -28.40 -5.56
CA ALA B 350 5.49 -27.18 -6.11
C ALA B 350 6.49 -26.38 -6.97
N TRP B 351 7.74 -26.32 -6.51
CA TRP B 351 8.78 -25.59 -7.23
C TRP B 351 9.15 -26.30 -8.54
N GLN B 352 9.21 -27.63 -8.51
CA GLN B 352 9.40 -28.42 -9.73
C GLN B 352 8.36 -28.07 -10.81
N ILE B 353 7.10 -28.00 -10.41
CA ILE B 353 6.01 -27.74 -11.33
C ILE B 353 6.02 -26.31 -11.88
N LEU B 354 6.13 -25.31 -11.01
CA LEU B 354 6.07 -23.91 -11.43
C LEU B 354 7.31 -23.46 -12.20
N ASN B 355 8.48 -23.93 -11.77
CA ASN B 355 9.70 -23.60 -12.48
C ASN B 355 9.72 -24.18 -13.91
N ALA B 356 9.17 -25.39 -14.07
CA ALA B 356 9.06 -26.03 -15.40
C ALA B 356 8.08 -25.31 -16.33
N LEU B 357 7.02 -24.74 -15.75
CA LEU B 357 5.99 -24.04 -16.53
C LEU B 357 6.27 -22.55 -16.67
N GLN B 358 7.16 -22.04 -15.83
CA GLN B 358 7.55 -20.63 -15.86
C GLN B 358 8.29 -20.33 -17.17
P PO4 C . 5.84 26.74 -1.22
O1 PO4 C . 6.22 25.34 -0.81
O2 PO4 C . 6.74 27.73 -0.55
O3 PO4 C . 5.97 26.88 -2.72
O4 PO4 C . 4.39 26.98 -0.80
C3 4A3 D . 8.69 29.53 -21.77
C5 4A3 D . 9.05 31.59 -20.55
C8 4A3 D . 9.80 32.39 -19.52
O9 4A3 D . 6.26 32.03 -22.86
C2 4A3 D . 7.64 30.13 -22.46
C4 4A3 D . 9.40 30.26 -20.81
C6 4A3 D . 8.00 32.18 -21.24
C7 4A3 D . 7.29 31.45 -22.19
O10 4A3 D . 9.45 33.57 -19.32
O11 4A3 D . 10.75 31.88 -18.90
N1 4A3 D . 6.94 29.43 -23.38
C3 4A3 E . 10.18 29.72 -5.97
C5 4A3 E . 11.05 30.99 -7.83
C8 4A3 E . 10.92 32.12 -8.81
O9 4A3 E . 13.40 28.32 -7.01
C2 4A3 E . 11.29 28.88 -6.00
C4 4A3 E . 10.06 30.77 -6.87
C6 4A3 E . 12.17 30.15 -7.86
C7 4A3 E . 12.29 29.11 -6.95
O10 4A3 E . 11.83 32.30 -9.65
O11 4A3 E . 9.91 32.85 -8.76
N1 4A3 E . 11.39 27.88 -5.11
C3 4A3 F . -10.81 3.18 -2.63
C5 4A3 F . -11.91 4.35 -4.41
C8 4A3 F . -11.82 5.05 -5.73
O9 4A3 F . -14.38 3.37 -1.89
C2 4A3 F . -12.03 3.01 -1.97
C4 4A3 F . -10.76 3.84 -3.84
C6 4A3 F . -13.14 4.19 -3.75
C7 4A3 F . -13.19 3.52 -2.54
O10 4A3 F . -12.84 5.54 -6.27
O11 4A3 F . -10.70 5.15 -6.25
N1 4A3 F . -12.06 2.37 -0.78
C3 4A3 G . 23.77 13.39 12.04
C5 4A3 G . 23.61 11.13 12.88
C8 4A3 G . 23.66 9.64 12.65
O9 4A3 G . 23.05 13.46 15.63
C2 4A3 G . 23.51 13.88 13.32
C4 4A3 G . 23.82 12.01 11.82
C6 4A3 G . 23.35 11.62 14.16
C7 4A3 G . 23.30 12.99 14.37
O10 4A3 G . 23.46 8.86 13.61
O11 4A3 G . 23.89 9.19 11.50
N1 4A3 G . 23.47 15.22 13.52
C3 4A3 H . -16.93 22.63 10.84
C5 4A3 H . -15.35 22.93 12.63
C8 4A3 H . -14.88 23.68 13.86
O9 4A3 H . -14.38 20.05 10.60
C2 4A3 H . -16.22 21.52 10.38
C4 4A3 H . -16.50 23.33 11.96
C6 4A3 H . -14.64 21.82 12.18
C7 4A3 H . -15.08 21.13 11.04
O10 4A3 H . -13.84 23.30 14.45
O11 4A3 H . -15.54 24.66 14.25
N1 4A3 H . -16.65 20.84 9.28
C3 4A3 I . -0.85 47.71 -14.10
C5 4A3 I . -0.18 46.12 -12.40
C8 4A3 I . -0.30 45.56 -10.99
O9 4A3 I . 1.71 45.46 -15.46
C2 4A3 I . 0.05 47.12 -15.00
C4 4A3 I . -0.96 47.20 -12.79
C6 4A3 I . 0.71 45.54 -13.29
C7 4A3 I . 0.83 46.03 -14.59
O10 4A3 I . 0.40 44.58 -10.67
O11 4A3 I . -1.10 46.08 -10.17
N1 4A3 I . 0.17 47.61 -16.27
C3 4A3 J . -11.43 19.66 16.67
C5 4A3 J . -10.28 17.83 15.57
C8 4A3 J . -9.18 16.77 15.53
O9 4A3 J . -13.06 19.00 13.46
C2 4A3 J . -12.31 19.78 15.60
C4 4A3 J . -10.42 18.70 16.65
C6 4A3 J . -11.17 17.95 14.50
C7 4A3 J . -12.18 18.92 14.52
O10 4A3 J . -9.08 16.01 14.53
O11 4A3 J . -8.38 16.67 16.49
N1 4A3 J . -13.30 20.71 15.62
C3 4A3 K . 20.89 27.68 -13.04
C5 4A3 K . 20.37 25.40 -13.62
C8 4A3 K . 20.36 23.94 -13.28
O9 4A3 K . 19.39 27.60 -16.37
C2 4A3 K . 20.39 28.12 -14.27
C4 4A3 K . 20.88 26.33 -12.71
C6 4A3 K . 19.86 25.83 -14.85
C7 4A3 K . 19.88 27.19 -15.17
O10 4A3 K . 19.90 23.10 -14.09
O11 4A3 K . 20.81 23.58 -12.19
N1 4A3 K . 20.40 29.43 -14.58
C3 4A3 L . -18.50 -32.63 9.82
C5 4A3 L . -17.01 -32.59 11.72
C8 4A3 L . -16.01 -33.25 12.62
O9 4A3 L . -18.69 -29.37 11.48
C2 4A3 L . -18.88 -31.32 10.10
C4 4A3 L . -17.57 -33.27 10.63
C6 4A3 L . -17.39 -31.28 11.99
C7 4A3 L . -18.32 -30.65 11.18
O10 4A3 L . -15.54 -32.59 13.58
O11 4A3 L . -15.65 -34.44 12.39
N1 4A3 L . -19.79 -30.69 9.31
C3 4A3 M . 10.46 -6.96 26.65
C5 4A3 M . 11.59 -4.91 26.07
C8 4A3 M . 11.59 -3.45 25.78
O9 4A3 M . 14.04 -7.62 26.25
C2 4A3 M . 11.66 -7.65 26.60
C4 4A3 M . 10.42 -5.59 26.38
C6 4A3 M . 12.80 -5.62 26.03
C7 4A3 M . 12.84 -6.97 26.30
O10 4A3 M . 12.67 -2.87 25.51
O11 4A3 M . 10.49 -2.83 25.82
N1 4A3 M . 11.66 -8.99 26.87
C3 4A3 N . -3.82 -27.85 14.28
C5 4A3 N . -5.38 -29.35 15.37
C8 4A3 N . -6.19 -30.61 15.33
O9 4A3 N . -4.69 -26.49 17.56
C2 4A3 N . -3.85 -27.00 15.38
C4 4A3 N . -4.57 -29.02 14.28
C6 4A3 N . -5.42 -28.49 16.48
C7 4A3 N . -4.65 -27.32 16.48
O10 4A3 N . -6.93 -30.92 16.29
O11 4A3 N . -6.10 -31.33 14.31
N1 4A3 N . -3.09 -25.87 15.34
C3 4A3 O . 8.56 1.09 10.01
C5 4A3 O . 8.58 -0.36 11.93
C8 4A3 O . 8.90 -0.56 13.38
O9 4A3 O . 7.26 -2.18 9.03
C2 4A3 O . 8.03 0.06 9.25
C4 4A3 O . 8.84 0.88 11.35
C6 4A3 O . 8.04 -1.40 11.16
C7 4A3 O . 7.77 -1.18 9.81
O10 4A3 O . 8.67 -1.66 13.95
O11 4A3 O . 9.37 0.42 14.00
N1 4A3 O . 7.78 0.30 7.96
C3 4A3 P . 20.08 -23.44 1.54
C5 4A3 P . 20.42 -25.19 3.16
C8 4A3 P . 20.25 -25.74 4.55
O9 4A3 P . 21.90 -26.20 -0.04
C2 4A3 P . 20.74 -24.19 0.58
C4 4A3 P . 19.91 -23.94 2.83
C6 4A3 P . 21.08 -25.94 2.19
C7 4A3 P . 21.25 -25.44 0.89
O10 4A3 P . 20.71 -26.88 4.82
O11 4A3 P . 19.66 -25.05 5.41
N1 4A3 P . 20.90 -23.68 -0.67
C3 4A3 Q . 17.04 -26.71 -10.34
C5 4A3 Q . 16.20 -28.97 -10.24
C8 4A3 Q . 16.08 -30.30 -9.52
O9 4A3 Q . 15.02 -27.43 -13.33
C2 4A3 Q . 16.41 -26.53 -11.57
C4 4A3 Q . 16.93 -27.93 -9.67
C6 4A3 Q . 15.56 -28.79 -11.45
C7 4A3 Q . 15.66 -27.57 -12.12
O10 4A3 Q . 15.42 -31.23 -10.02
O11 4A3 Q . 16.66 -30.45 -8.41
N1 4A3 Q . 16.51 -25.34 -12.21
C3 4A3 R . -25.16 -23.24 6.99
C5 4A3 R . -23.75 -23.60 8.93
C8 4A3 R . -23.47 -24.23 10.26
O9 4A3 R . -22.07 -21.28 6.66
C2 4A3 R . -24.20 -22.38 6.45
C4 4A3 R . -24.93 -23.85 8.23
C6 4A3 R . -22.80 -22.73 8.38
C7 4A3 R . -23.03 -22.12 7.16
O10 4A3 R . -22.39 -23.96 10.83
O11 4A3 R . -24.30 -25.02 10.78
N1 4A3 R . -24.44 -21.79 5.24
#